data_9OQ8
#
_entry.id   9OQ8
#
_cell.length_a   75.299
_cell.length_b   75.299
_cell.length_c   333.701
_cell.angle_alpha   90.000
_cell.angle_beta   90.000
_cell.angle_gamma   90.000
#
_symmetry.space_group_name_H-M   'P 41 21 2'
#
loop_
_entity.id
_entity.type
_entity.pdbx_description
1 polymer RohQ
2 non-polymer IMIDAZOLE
3 water water
#
_entity_poly.entity_id   1
_entity_poly.type   'polypeptide(L)'
_entity_poly.pdbx_seq_one_letter_code
;(MSE)GSSHHHHHHSSGLVPRGSH(MSE)AEASIAVIDATVF(MSE)G(MSE)HHSDPEVRAQSLGFFGAFYSRQV
(MSE)(MSE)SFGQIGICDAIIWKKSRHLQDVYYPF(MSE)DVLHTD(MSE)DIQRQGYCNKVLKRACLEPDWARLSVEK
RLLVAHVVEHQLPFYTHDDSLRELGLLKPFLKTFPASASSSVFPENLQRLYEQS(MSE)E(MSE)TIGKEDFQHVG
;
_entity_poly.pdbx_strand_id   A,B,E,C,D
#
# COMPACT_ATOMS: atom_id res chain seq x y z
N ALA A 24 -19.58 19.59 18.01
CA ALA A 24 -18.90 20.70 18.66
C ALA A 24 -18.46 21.75 17.63
N SER A 25 -17.82 21.28 16.57
CA SER A 25 -17.34 22.13 15.47
C SER A 25 -18.16 21.80 14.23
N ILE A 26 -19.29 22.49 14.07
CA ILE A 26 -20.19 22.24 12.96
C ILE A 26 -19.65 22.92 11.70
N ALA A 27 -19.86 22.28 10.55
CA ALA A 27 -19.44 22.86 9.29
C ALA A 27 -20.36 24.00 8.90
N VAL A 28 -19.77 25.08 8.38
CA VAL A 28 -20.50 26.27 7.99
C VAL A 28 -20.31 26.47 6.50
N ILE A 29 -21.43 26.67 5.79
CA ILE A 29 -21.41 26.93 4.35
C ILE A 29 -22.22 28.20 4.07
N ASP A 30 -22.23 28.60 2.81
CA ASP A 30 -22.95 29.78 2.38
C ASP A 30 -23.85 29.39 1.21
N ALA A 31 -24.34 30.38 0.47
CA ALA A 31 -25.19 30.10 -0.67
C ALA A 31 -24.40 29.47 -1.82
N THR A 32 -23.10 29.76 -1.90
CA THR A 32 -22.30 29.22 -3.00
C THR A 32 -22.17 27.71 -2.93
N VAL A 33 -22.17 27.14 -1.72
CA VAL A 33 -22.07 25.68 -1.58
C VAL A 33 -23.40 25.03 -1.92
N PHE A 34 -24.50 25.58 -1.40
CA PHE A 34 -25.81 25.00 -1.65
C PHE A 34 -26.21 25.14 -3.12
N GLY A 36 -24.33 25.67 -5.47
CA GLY A 36 -23.31 25.06 -6.28
C GLY A 36 -23.71 23.71 -6.87
N HIS A 38 -26.18 23.12 -8.47
CA HIS A 38 -26.80 23.41 -9.76
C HIS A 38 -25.99 24.43 -10.55
N HIS A 39 -24.68 24.45 -10.34
CA HIS A 39 -23.80 25.37 -11.05
C HIS A 39 -23.50 24.85 -12.45
N SER A 40 -23.46 25.77 -13.41
CA SER A 40 -23.14 25.38 -14.79
C SER A 40 -21.75 24.79 -14.89
N ASP A 41 -20.82 25.25 -14.07
CA ASP A 41 -19.49 24.67 -14.01
C ASP A 41 -19.58 23.27 -13.44
N PRO A 42 -19.14 22.23 -14.16
CA PRO A 42 -19.26 20.87 -13.61
C PRO A 42 -18.26 20.57 -12.52
N GLU A 43 -17.18 21.35 -12.41
CA GLU A 43 -16.22 21.15 -11.33
C GLU A 43 -16.75 21.70 -10.01
N VAL A 44 -17.46 22.83 -10.07
CA VAL A 44 -18.07 23.38 -8.86
C VAL A 44 -19.23 22.50 -8.40
N ARG A 45 -20.00 21.97 -9.36
CA ARG A 45 -21.10 21.08 -9.00
C ARG A 45 -20.58 19.78 -8.37
N ALA A 46 -19.44 19.30 -8.84
CA ALA A 46 -18.86 18.10 -8.25
C ALA A 46 -18.40 18.35 -6.82
N GLN A 47 -17.83 19.54 -6.56
CA GLN A 47 -17.39 19.86 -5.21
C GLN A 47 -18.57 19.98 -4.26
N SER A 48 -19.66 20.63 -4.70
CA SER A 48 -20.82 20.79 -3.83
C SER A 48 -21.51 19.45 -3.60
N LEU A 49 -21.59 18.61 -4.63
CA LEU A 49 -22.17 17.29 -4.46
C LEU A 49 -21.34 16.44 -3.51
N GLY A 50 -20.02 16.61 -3.52
CA GLY A 50 -19.18 15.87 -2.60
C GLY A 50 -19.37 16.28 -1.16
N PHE A 51 -19.68 17.55 -0.91
CA PHE A 51 -19.89 18.01 0.46
C PHE A 51 -21.20 17.47 1.02
N PHE A 52 -22.30 17.67 0.31
CA PHE A 52 -23.58 17.19 0.79
C PHE A 52 -23.64 15.67 0.85
N GLY A 53 -22.90 14.99 -0.02
CA GLY A 53 -22.85 13.54 0.03
C GLY A 53 -22.12 13.03 1.26
N ALA A 54 -21.14 13.78 1.75
CA ALA A 54 -20.38 13.38 2.93
C ALA A 54 -20.97 13.93 4.22
N PHE A 55 -21.83 14.93 4.15
CA PHE A 55 -22.43 15.54 5.33
C PHE A 55 -23.93 15.34 5.41
N TYR A 56 -24.49 14.44 4.58
CA TYR A 56 -25.93 14.23 4.57
C TYR A 56 -26.44 13.77 5.93
N SER A 57 -25.65 12.96 6.63
CA SER A 57 -26.01 12.48 7.97
C SER A 57 -25.26 13.22 9.07
N ARG A 58 -24.70 14.40 8.76
CA ARG A 58 -23.99 15.18 9.76
C ARG A 58 -24.69 16.51 10.00
N GLN A 59 -23.98 17.46 10.62
CA GLN A 59 -24.54 18.76 10.96
C GLN A 59 -23.92 19.83 10.06
N VAL A 60 -24.75 20.68 9.50
CA VAL A 60 -24.31 21.80 8.65
C VAL A 60 -25.06 23.05 9.10
N SER A 63 -26.83 30.44 7.80
CA SER A 63 -27.43 31.64 8.38
C SER A 63 -28.72 31.99 7.65
N PHE A 64 -29.53 32.83 8.31
CA PHE A 64 -30.78 33.28 7.69
C PHE A 64 -30.52 34.04 6.40
N GLY A 65 -29.43 34.82 6.36
CA GLY A 65 -29.13 35.57 5.16
C GLY A 65 -28.78 34.69 3.97
N GLN A 66 -27.95 33.67 4.21
CA GLN A 66 -27.55 32.79 3.12
C GLN A 66 -28.74 32.02 2.56
N ILE A 67 -29.70 31.64 3.42
CA ILE A 67 -30.91 31.00 2.94
C ILE A 67 -31.71 31.94 2.06
N GLY A 68 -31.83 33.20 2.47
CA GLY A 68 -32.54 34.18 1.66
C GLY A 68 -31.85 34.47 0.34
N ILE A 69 -30.52 34.42 0.32
CA ILE A 69 -29.79 34.64 -0.93
C ILE A 69 -30.13 33.54 -1.93
N CYS A 70 -30.28 32.30 -1.46
CA CYS A 70 -30.63 31.20 -2.34
C CYS A 70 -32.00 31.43 -2.98
N ASP A 71 -33.00 31.75 -2.15
CA ASP A 71 -34.35 31.97 -2.67
C ASP A 71 -34.43 33.20 -3.55
N ALA A 72 -33.65 34.24 -3.23
CA ALA A 72 -33.63 35.44 -4.07
C ALA A 72 -33.15 35.12 -5.47
N ILE A 73 -32.24 34.15 -5.61
CA ILE A 73 -31.77 33.74 -6.93
C ILE A 73 -32.82 32.91 -7.65
N ILE A 74 -33.53 32.05 -6.91
CA ILE A 74 -34.48 31.14 -7.54
C ILE A 74 -35.75 31.87 -7.96
N TRP A 75 -36.28 32.75 -7.10
CA TRP A 75 -37.53 33.43 -7.40
C TRP A 75 -37.43 34.34 -8.61
N LYS A 76 -36.23 34.65 -9.08
CA LYS A 76 -36.06 35.39 -10.33
C LYS A 76 -36.17 34.51 -11.56
N LYS A 77 -36.22 33.18 -11.39
CA LYS A 77 -36.33 32.27 -12.51
C LYS A 77 -37.80 32.10 -12.90
N SER A 78 -38.03 31.33 -13.96
CA SER A 78 -39.37 31.14 -14.47
C SER A 78 -40.19 30.27 -13.51
N ARG A 79 -41.50 30.22 -13.76
CA ARG A 79 -42.39 29.42 -12.92
C ARG A 79 -42.05 27.94 -13.03
N HIS A 80 -41.76 27.46 -14.25
CA HIS A 80 -41.47 26.04 -14.45
C HIS A 80 -40.17 25.64 -13.77
N LEU A 81 -39.13 26.47 -13.89
CA LEU A 81 -37.85 26.12 -13.29
C LEU A 81 -37.92 26.07 -11.77
N GLN A 82 -38.77 26.91 -11.17
CA GLN A 82 -38.93 26.87 -9.72
C GLN A 82 -39.66 25.60 -9.28
N ASP A 83 -40.63 25.15 -10.09
CA ASP A 83 -41.43 23.99 -9.71
C ASP A 83 -40.64 22.70 -9.75
N VAL A 84 -39.54 22.64 -10.50
CA VAL A 84 -38.74 21.44 -10.56
C VAL A 84 -37.57 21.45 -9.59
N TYR A 85 -37.11 22.63 -9.17
CA TYR A 85 -35.98 22.74 -8.24
C TYR A 85 -36.44 22.65 -6.79
N TYR A 86 -37.45 23.43 -6.42
CA TYR A 86 -37.86 23.53 -5.02
C TYR A 86 -38.18 22.20 -4.34
N PRO A 87 -38.79 21.20 -5.02
CA PRO A 87 -38.97 19.91 -4.34
C PRO A 87 -37.68 19.30 -3.83
N PHE A 88 -36.57 19.47 -4.57
CA PHE A 88 -35.30 18.94 -4.09
C PHE A 88 -34.78 19.74 -2.90
N ASP A 90 -36.49 21.59 -0.66
CA ASP A 90 -37.31 21.48 0.53
C ASP A 90 -37.13 20.11 1.19
N VAL A 91 -37.07 19.05 0.41
CA VAL A 91 -36.88 17.72 0.98
C VAL A 91 -35.49 17.59 1.57
N LEU A 92 -34.49 18.23 0.95
CA LEU A 92 -33.13 18.18 1.48
C LEU A 92 -33.05 18.87 2.84
N HIS A 93 -33.63 20.07 2.95
CA HIS A 93 -33.61 20.78 4.23
C HIS A 93 -34.38 20.02 5.30
N THR A 94 -35.38 19.24 4.91
CA THR A 94 -36.19 18.53 5.89
C THR A 94 -35.47 17.28 6.40
N ASP A 95 -34.95 16.45 5.50
CA ASP A 95 -34.34 15.18 5.88
C ASP A 95 -32.89 15.33 6.32
N ASP A 97 -30.10 17.42 8.70
CA ASP A 97 -30.00 18.28 9.88
C ASP A 97 -29.17 19.52 9.53
N ILE A 98 -29.82 20.46 8.86
CA ILE A 98 -29.20 21.73 8.50
C ILE A 98 -29.60 22.74 9.57
N GLN A 99 -28.62 23.14 10.39
CA GLN A 99 -28.88 24.10 11.46
C GLN A 99 -29.03 25.49 10.86
N ARG A 100 -30.23 26.05 10.96
CA ARG A 100 -30.56 27.35 10.39
C ARG A 100 -30.74 28.34 11.53
N GLN A 101 -29.82 29.31 11.62
CA GLN A 101 -29.76 30.21 12.75
C GLN A 101 -29.38 31.61 12.27
N GLY A 102 -29.17 32.51 13.23
CA GLY A 102 -28.72 33.85 12.95
C GLY A 102 -27.49 34.18 13.77
N TYR A 103 -26.84 35.28 13.39
CA TYR A 103 -25.63 35.71 14.08
C TYR A 103 -25.97 36.33 15.44
N CYS A 104 -25.01 36.26 16.35
CA CYS A 104 -25.20 36.79 17.69
CA CYS A 104 -25.17 36.77 17.70
C CYS A 104 -24.46 38.12 17.83
N ASN A 105 -24.59 38.71 19.02
CA ASN A 105 -24.06 40.06 19.25
C ASN A 105 -22.55 40.10 19.14
N LYS A 106 -21.87 39.04 19.58
CA LYS A 106 -20.41 39.01 19.45
C LYS A 106 -19.98 39.01 17.99
N VAL A 107 -20.78 38.38 17.12
CA VAL A 107 -20.48 38.41 15.69
C VAL A 107 -20.77 39.79 15.11
N LEU A 108 -21.84 40.44 15.58
CA LEU A 108 -22.20 41.75 15.07
C LEU A 108 -21.14 42.79 15.40
N LYS A 109 -20.61 42.76 16.62
CA LYS A 109 -19.59 43.74 17.01
C LYS A 109 -18.31 43.54 16.22
N ARG A 110 -17.95 42.29 15.94
CA ARG A 110 -16.74 42.02 15.15
C ARG A 110 -16.93 42.43 13.70
N ALA A 111 -18.14 42.28 13.16
CA ALA A 111 -18.38 42.61 11.76
C ALA A 111 -18.27 44.11 11.49
N CYS A 112 -18.43 44.94 12.51
CA CYS A 112 -18.31 46.39 12.33
C CYS A 112 -16.88 46.88 12.47
N LEU A 113 -16.04 46.15 13.20
CA LEU A 113 -14.67 46.55 13.44
C LEU A 113 -13.70 46.07 12.36
N GLU A 114 -14.14 45.17 11.48
CA GLU A 114 -13.29 44.71 10.39
C GLU A 114 -13.39 45.67 9.20
N PRO A 115 -12.28 45.91 8.49
CA PRO A 115 -12.30 46.79 7.32
C PRO A 115 -12.99 46.16 6.11
N ARG A 119 -13.43 45.51 1.45
CA ARG A 119 -14.80 45.97 1.32
C ARG A 119 -15.71 44.86 0.80
N LEU A 120 -16.50 44.28 1.70
CA LEU A 120 -17.42 43.20 1.38
C LEU A 120 -18.84 43.59 1.78
N SER A 121 -19.81 42.83 1.29
CA SER A 121 -21.19 43.06 1.67
C SER A 121 -21.41 42.71 3.14
N VAL A 122 -22.42 43.34 3.73
CA VAL A 122 -22.69 43.15 5.16
C VAL A 122 -22.94 41.68 5.47
N GLU A 123 -23.62 40.97 4.57
CA GLU A 123 -23.86 39.55 4.78
C GLU A 123 -22.56 38.76 4.80
N LYS A 124 -21.61 39.13 3.94
CA LYS A 124 -20.30 38.48 3.95
C LYS A 124 -19.49 38.90 5.17
N ARG A 125 -19.63 40.15 5.61
CA ARG A 125 -18.93 40.60 6.81
C ARG A 125 -19.41 39.83 8.03
N LEU A 126 -20.73 39.59 8.12
CA LEU A 126 -21.26 38.82 9.24
C LEU A 126 -20.86 37.35 9.13
N LEU A 127 -20.81 36.82 7.91
CA LEU A 127 -20.43 35.42 7.72
C LEU A 127 -18.97 35.18 8.10
N VAL A 128 -18.08 36.08 7.66
CA VAL A 128 -16.67 35.95 8.00
C VAL A 128 -16.47 36.11 9.51
N ALA A 129 -17.18 37.08 10.11
CA ALA A 129 -17.04 37.30 11.54
C ALA A 129 -17.54 36.10 12.34
N HIS A 130 -18.61 35.45 11.86
CA HIS A 130 -19.15 34.30 12.56
C HIS A 130 -18.18 33.12 12.52
N VAL A 131 -17.53 32.90 11.38
CA VAL A 131 -16.59 31.79 11.26
C VAL A 131 -15.36 32.03 12.14
N VAL A 132 -14.87 33.27 12.17
CA VAL A 132 -13.66 33.56 12.94
C VAL A 132 -13.97 33.58 14.43
N GLU A 133 -15.14 34.11 14.81
CA GLU A 133 -15.48 34.22 16.23
C GLU A 133 -15.62 32.84 16.87
N HIS A 134 -16.38 31.95 16.24
CA HIS A 134 -16.64 30.63 16.80
C HIS A 134 -15.66 29.57 16.33
N GLN A 135 -14.71 29.92 15.46
CA GLN A 135 -13.66 29.01 15.01
C GLN A 135 -14.26 27.74 14.39
N LEU A 136 -15.13 27.94 13.40
CA LEU A 136 -15.83 26.82 12.78
C LEU A 136 -15.26 26.53 11.39
N PRO A 137 -15.26 25.27 10.96
CA PRO A 137 -14.83 24.95 9.60
C PRO A 137 -15.79 25.57 8.58
N PHE A 138 -15.21 26.18 7.55
CA PHE A 138 -15.95 26.97 6.58
C PHE A 138 -15.74 26.42 5.18
N TYR A 139 -16.85 26.20 4.47
CA TYR A 139 -16.83 25.73 3.10
C TYR A 139 -17.51 26.78 2.22
N THR A 140 -16.86 27.15 1.12
CA THR A 140 -17.41 28.18 0.25
C THR A 140 -16.75 28.12 -1.11
N HIS A 141 -17.48 28.60 -2.12
CA HIS A 141 -16.94 28.84 -3.44
C HIS A 141 -16.71 30.32 -3.73
N ASP A 142 -17.06 31.20 -2.80
CA ASP A 142 -16.94 32.64 -2.99
C ASP A 142 -15.46 33.01 -3.06
N ASP A 143 -15.01 33.46 -4.24
CA ASP A 143 -13.61 33.83 -4.41
C ASP A 143 -13.23 35.06 -3.61
N SER A 144 -14.20 35.91 -3.28
CA SER A 144 -13.92 37.08 -2.45
C SER A 144 -13.62 36.73 -1.00
N LEU A 145 -13.95 35.50 -0.58
CA LEU A 145 -13.68 35.05 0.78
C LEU A 145 -12.50 34.09 0.87
N ARG A 146 -12.26 33.30 -0.18
CA ARG A 146 -11.16 32.34 -0.13
C ARG A 146 -9.81 33.03 -0.14
N GLU A 147 -9.71 34.20 -0.80
CA GLU A 147 -8.45 34.93 -0.82
C GLU A 147 -8.15 35.64 0.49
N LEU A 148 -9.09 35.65 1.43
CA LEU A 148 -8.87 36.31 2.71
C LEU A 148 -7.93 35.48 3.57
N GLY A 149 -6.87 36.11 4.06
CA GLY A 149 -5.93 35.41 4.93
C GLY A 149 -6.53 35.08 6.29
N LEU A 150 -7.52 35.86 6.73
CA LEU A 150 -8.13 35.61 8.03
C LEU A 150 -8.96 34.33 8.04
N LEU A 151 -9.49 33.93 6.88
CA LEU A 151 -10.29 32.71 6.78
C LEU A 151 -9.46 31.48 6.42
N LYS A 152 -8.18 31.65 6.13
CA LYS A 152 -7.36 30.49 5.76
C LYS A 152 -7.28 29.42 6.85
N PRO A 153 -7.17 29.75 8.15
CA PRO A 153 -7.18 28.68 9.16
C PRO A 153 -8.49 27.91 9.24
N PHE A 154 -9.55 28.38 8.59
CA PHE A 154 -10.86 27.74 8.67
C PHE A 154 -11.39 27.24 7.33
N LEU A 155 -10.82 27.66 6.22
CA LEU A 155 -11.25 27.16 4.91
C LEU A 155 -10.89 25.68 4.79
N LYS A 156 -11.88 24.84 4.49
CA LYS A 156 -11.68 23.42 4.35
C LYS A 156 -11.95 22.99 2.92
N THR A 157 -11.13 22.06 2.41
CA THR A 157 -11.28 21.58 1.05
C THR A 157 -12.52 20.71 0.93
N PHE A 158 -13.21 20.82 -0.20
CA PHE A 158 -14.41 20.03 -0.43
C PHE A 158 -14.04 18.56 -0.59
N PRO A 159 -14.83 17.65 -0.05
CA PRO A 159 -14.58 16.21 -0.25
C PRO A 159 -14.81 15.81 -1.70
N ALA A 160 -14.29 14.65 -2.05
CA ALA A 160 -14.41 14.11 -3.39
C ALA A 160 -15.67 13.26 -3.51
N SER A 161 -15.89 12.69 -4.69
CA SER A 161 -17.05 11.84 -4.91
C SER A 161 -16.84 10.48 -4.26
N ALA A 162 -17.91 9.94 -3.68
CA ALA A 162 -17.86 8.64 -3.02
C ALA A 162 -19.15 7.86 -3.25
N VAL A 166 -23.91 9.69 -1.42
CA VAL A 166 -25.09 9.77 -2.28
C VAL A 166 -26.34 9.91 -1.42
N PHE A 167 -27.37 10.55 -1.97
CA PHE A 167 -28.63 10.72 -1.28
C PHE A 167 -29.46 9.44 -1.38
N PRO A 168 -30.54 9.33 -0.61
CA PRO A 168 -31.50 8.25 -0.85
C PRO A 168 -32.10 8.36 -2.25
N GLU A 169 -32.68 7.25 -2.71
CA GLU A 169 -33.18 7.18 -4.08
C GLU A 169 -34.26 8.23 -4.33
N ASN A 170 -35.13 8.46 -3.35
CA ASN A 170 -36.19 9.45 -3.52
C ASN A 170 -35.61 10.85 -3.69
N LEU A 171 -34.53 11.16 -2.97
CA LEU A 171 -33.89 12.46 -3.12
C LEU A 171 -33.04 12.53 -4.38
N GLN A 172 -32.54 11.38 -4.85
CA GLN A 172 -31.81 11.37 -6.10
C GLN A 172 -32.70 11.73 -7.28
N ARG A 173 -33.91 11.15 -7.32
CA ARG A 173 -34.84 11.49 -8.38
C ARG A 173 -35.26 12.96 -8.32
N LEU A 174 -35.36 13.52 -7.12
CA LEU A 174 -35.68 14.93 -6.99
C LEU A 174 -34.52 15.81 -7.44
N TYR A 175 -33.28 15.35 -7.25
CA TYR A 175 -32.13 16.14 -7.66
C TYR A 175 -31.99 16.15 -9.17
N GLU A 176 -31.98 14.98 -9.80
CA GLU A 176 -31.81 14.90 -11.25
C GLU A 176 -32.95 15.59 -11.99
N GLN A 177 -34.16 15.57 -11.42
CA GLN A 177 -35.26 16.32 -12.02
C GLN A 177 -35.07 17.81 -11.83
N SER A 178 -34.36 18.22 -10.77
CA SER A 178 -34.12 19.63 -10.50
C SER A 178 -32.89 20.18 -11.23
N GLU A 180 -32.55 20.67 -14.13
CA GLU A 180 -33.00 21.56 -15.20
C GLU A 180 -32.72 23.02 -14.85
N THR A 182 -30.24 25.86 -13.73
CA THR A 182 -28.81 26.09 -13.91
C THR A 182 -28.42 27.42 -13.26
N ILE A 183 -27.45 27.36 -12.37
CA ILE A 183 -26.93 28.54 -11.66
C ILE A 183 -25.57 28.89 -12.23
N GLY A 184 -25.32 30.19 -12.42
CA GLY A 184 -24.07 30.66 -12.96
C GLY A 184 -23.48 31.75 -12.09
N LYS A 185 -22.31 32.24 -12.52
CA LYS A 185 -21.66 33.32 -11.79
C LYS A 185 -22.46 34.61 -11.84
N GLU A 186 -23.29 34.79 -12.88
CA GLU A 186 -24.10 35.99 -13.00
C GLU A 186 -25.21 36.03 -11.95
N ASP A 187 -25.65 34.88 -11.45
CA ASP A 187 -26.72 34.85 -10.47
C ASP A 187 -26.27 35.48 -9.14
N PHE A 188 -25.01 35.32 -8.77
CA PHE A 188 -24.50 35.91 -7.55
C PHE A 188 -24.04 37.36 -7.72
N GLN A 189 -23.73 37.76 -8.96
CA GLN A 189 -23.33 39.14 -9.19
C GLN A 189 -24.53 40.08 -9.19
N HIS A 190 -25.66 39.64 -9.75
CA HIS A 190 -26.86 40.45 -9.85
C HIS A 190 -27.83 40.20 -8.69
N VAL A 191 -27.36 39.63 -7.59
CA VAL A 191 -28.20 39.36 -6.43
C VAL A 191 -28.24 40.61 -5.56
N GLY A 192 -29.33 40.76 -4.81
CA GLY A 192 -29.50 41.91 -3.95
C GLY A 192 -29.77 43.19 -4.71
N ALA B 24 13.10 28.83 2.86
CA ALA B 24 12.70 28.87 4.27
C ALA B 24 11.77 27.72 4.60
N SER B 25 10.70 27.59 3.82
CA SER B 25 9.72 26.52 3.99
C SER B 25 9.79 25.57 2.79
N ILE B 26 10.91 24.85 2.70
CA ILE B 26 11.12 23.93 1.60
C ILE B 26 10.22 22.71 1.77
N ALA B 27 9.70 22.21 0.66
CA ALA B 27 8.82 21.05 0.69
C ALA B 27 9.63 19.79 0.95
N VAL B 28 9.09 18.92 1.82
CA VAL B 28 9.73 17.65 2.17
C VAL B 28 8.85 16.52 1.66
N ILE B 29 9.45 15.61 0.89
CA ILE B 29 8.75 14.45 0.37
C ILE B 29 9.52 13.19 0.75
N ASP B 30 8.88 12.05 0.55
CA ASP B 30 9.48 10.75 0.81
C ASP B 30 9.46 9.92 -0.48
N ALA B 31 9.77 8.63 -0.34
CA ALA B 31 9.80 7.75 -1.50
C ALA B 31 8.41 7.53 -2.09
N THR B 32 7.36 7.65 -1.27
CA THR B 32 6.01 7.43 -1.76
C THR B 32 5.59 8.49 -2.77
N VAL B 33 6.09 9.71 -2.62
CA VAL B 33 5.73 10.77 -3.57
C VAL B 33 6.52 10.63 -4.87
N PHE B 34 7.80 10.28 -4.78
CA PHE B 34 8.61 10.14 -5.98
C PHE B 34 8.22 8.91 -6.78
N GLY B 36 5.50 7.51 -6.55
CA GLY B 36 4.09 7.66 -6.86
C GLY B 36 3.81 8.06 -8.29
N HIS B 38 4.75 6.58 -10.70
CA HIS B 38 4.54 5.32 -11.40
C HIS B 38 3.66 4.37 -10.60
N HIS B 39 2.79 4.90 -9.74
CA HIS B 39 1.90 4.07 -8.95
C HIS B 39 0.84 3.44 -9.84
N SER B 40 0.51 2.17 -9.56
CA SER B 40 -0.50 1.48 -10.34
C SER B 40 -1.86 2.15 -10.22
N ASP B 41 -2.13 2.77 -9.08
CA ASP B 41 -3.36 3.55 -8.91
C ASP B 41 -3.25 4.83 -9.72
N PRO B 42 -4.10 5.05 -10.72
CA PRO B 42 -3.98 6.26 -11.53
C PRO B 42 -4.26 7.54 -10.75
N GLU B 43 -5.10 7.47 -9.71
CA GLU B 43 -5.35 8.65 -8.89
C GLU B 43 -4.11 9.05 -8.10
N VAL B 44 -3.43 8.07 -7.50
CA VAL B 44 -2.19 8.35 -6.79
C VAL B 44 -1.13 8.86 -7.75
N ARG B 45 -1.08 8.28 -8.96
CA ARG B 45 -0.13 8.75 -9.96
C ARG B 45 -0.45 10.16 -10.42
N ALA B 46 -1.73 10.54 -10.40
CA ALA B 46 -2.10 11.89 -10.85
C ALA B 46 -1.61 12.94 -9.88
N GLN B 47 -1.90 12.78 -8.58
CA GLN B 47 -1.50 13.78 -7.60
C GLN B 47 0.02 13.82 -7.42
N SER B 48 0.68 12.67 -7.53
CA SER B 48 2.14 12.66 -7.48
C SER B 48 2.72 13.38 -8.70
N LEU B 49 2.10 13.20 -9.87
CA LEU B 49 2.54 13.92 -11.05
C LEU B 49 2.16 15.39 -10.97
N GLY B 50 1.11 15.71 -10.22
CA GLY B 50 0.74 17.11 -10.05
C GLY B 50 1.67 17.85 -9.12
N PHE B 51 2.25 17.15 -8.14
CA PHE B 51 3.19 17.80 -7.23
C PHE B 51 4.47 18.20 -7.96
N PHE B 52 5.12 17.24 -8.62
CA PHE B 52 6.35 17.54 -9.33
C PHE B 52 6.13 18.54 -10.47
N GLY B 53 4.89 18.67 -10.96
CA GLY B 53 4.59 19.71 -11.92
C GLY B 53 4.56 21.08 -11.30
N ALA B 54 4.03 21.18 -10.07
CA ALA B 54 3.95 22.45 -9.36
C ALA B 54 5.24 22.81 -8.65
N PHE B 55 6.18 21.87 -8.49
CA PHE B 55 7.44 22.12 -7.81
C PHE B 55 8.64 21.86 -8.71
N TYR B 56 8.44 21.82 -10.02
CA TYR B 56 9.55 21.54 -10.93
C TYR B 56 10.59 22.67 -10.90
N SER B 57 10.16 23.90 -10.70
CA SER B 57 11.05 25.05 -10.65
C SER B 57 11.34 25.51 -9.22
N ARG B 58 10.93 24.72 -8.22
CA ARG B 58 11.09 25.09 -6.82
C ARG B 58 12.04 24.09 -6.13
N GLN B 59 12.19 24.26 -4.82
CA GLN B 59 13.07 23.43 -4.01
C GLN B 59 12.29 22.32 -3.33
N VAL B 60 12.85 21.11 -3.34
CA VAL B 60 12.25 19.95 -2.68
C VAL B 60 13.36 19.18 -1.98
N SER B 63 15.73 13.00 1.96
CA SER B 63 16.79 12.46 2.77
C SER B 63 17.51 11.33 2.04
N PHE B 64 18.71 10.99 2.52
CA PHE B 64 19.46 9.90 1.93
C PHE B 64 18.73 8.58 2.06
N GLY B 65 18.04 8.37 3.19
CA GLY B 65 17.34 7.13 3.40
C GLY B 65 16.20 6.93 2.40
N GLN B 66 15.40 7.98 2.18
CA GLN B 66 14.30 7.88 1.24
C GLN B 66 14.79 7.67 -0.18
N ILE B 67 15.97 8.19 -0.52
CA ILE B 67 16.56 7.92 -1.83
C ILE B 67 16.95 6.44 -1.94
N GLY B 68 17.54 5.88 -0.89
CA GLY B 68 17.86 4.47 -0.90
C GLY B 68 16.64 3.58 -0.97
N ILE B 69 15.52 4.01 -0.36
CA ILE B 69 14.28 3.24 -0.46
C ILE B 69 13.80 3.18 -1.89
N CYS B 70 13.95 4.28 -2.64
CA CYS B 70 13.56 4.28 -4.04
C CYS B 70 14.36 3.28 -4.84
N ASP B 71 15.68 3.27 -4.67
CA ASP B 71 16.53 2.34 -5.42
C ASP B 71 16.30 0.91 -4.98
N ALA B 72 16.08 0.69 -3.69
CA ALA B 72 15.83 -0.67 -3.19
C ALA B 72 14.56 -1.26 -3.80
N ILE B 73 13.59 -0.41 -4.14
CA ILE B 73 12.37 -0.89 -4.79
C ILE B 73 12.63 -1.18 -6.26
N ILE B 74 13.41 -0.33 -6.93
CA ILE B 74 13.63 -0.50 -8.36
C ILE B 74 14.54 -1.69 -8.63
N TRP B 75 15.60 -1.85 -7.85
CA TRP B 75 16.55 -2.93 -8.10
C TRP B 75 15.94 -4.31 -7.89
N LYS B 76 14.80 -4.40 -7.21
CA LYS B 76 14.08 -5.65 -7.13
C LYS B 76 13.31 -5.95 -8.41
N LYS B 77 13.04 -4.95 -9.24
CA LYS B 77 12.34 -5.16 -10.50
C LYS B 77 13.27 -5.81 -11.51
N SER B 78 12.75 -6.04 -12.72
CA SER B 78 13.51 -6.71 -13.76
C SER B 78 14.54 -5.77 -14.37
N ARG B 79 15.47 -6.36 -15.12
CA ARG B 79 16.52 -5.57 -15.78
C ARG B 79 15.92 -4.63 -16.81
N HIS B 80 14.90 -5.08 -17.55
CA HIS B 80 14.32 -4.25 -18.60
C HIS B 80 13.59 -3.04 -18.02
N LEU B 81 12.83 -3.24 -16.95
CA LEU B 81 12.08 -2.13 -16.36
C LEU B 81 13.01 -1.07 -15.77
N GLN B 82 14.19 -1.48 -15.31
CA GLN B 82 15.15 -0.51 -14.80
C GLN B 82 15.74 0.33 -15.93
N ASP B 83 16.04 -0.30 -17.07
CA ASP B 83 16.66 0.40 -18.17
C ASP B 83 15.75 1.46 -18.79
N VAL B 84 14.44 1.33 -18.61
CA VAL B 84 13.51 2.33 -19.13
C VAL B 84 13.07 3.34 -18.09
N TYR B 85 13.21 3.03 -16.79
CA TYR B 85 12.83 3.95 -15.73
C TYR B 85 13.98 4.85 -15.31
N TYR B 86 15.19 4.28 -15.19
CA TYR B 86 16.32 5.06 -14.68
C TYR B 86 16.65 6.29 -15.51
N PRO B 87 16.53 6.30 -16.84
CA PRO B 87 16.72 7.57 -17.57
C PRO B 87 15.82 8.69 -17.08
N PHE B 88 14.59 8.38 -16.67
CA PHE B 88 13.68 9.41 -16.17
C PHE B 88 14.11 9.92 -14.81
N ASP B 90 17.07 9.76 -13.32
CA ASP B 90 18.38 10.40 -13.31
C ASP B 90 18.31 11.80 -13.90
N VAL B 91 17.50 11.99 -14.94
CA VAL B 91 17.38 13.31 -15.55
C VAL B 91 16.62 14.26 -14.63
N LEU B 92 15.55 13.78 -14.00
CA LEU B 92 14.77 14.64 -13.12
C LEU B 92 15.58 15.08 -11.91
N HIS B 93 16.31 14.15 -11.29
CA HIS B 93 17.15 14.50 -10.15
C HIS B 93 18.26 15.47 -10.54
N THR B 94 18.63 15.53 -11.82
CA THR B 94 19.67 16.43 -12.28
C THR B 94 19.14 17.83 -12.58
N ASP B 95 18.10 17.91 -13.41
CA ASP B 95 17.57 19.21 -13.82
C ASP B 95 16.76 19.88 -12.71
N ASP B 97 16.01 20.90 -8.97
CA ASP B 97 16.78 21.13 -7.76
C ASP B 97 16.18 20.39 -6.57
N ILE B 98 16.57 19.14 -6.38
CA ILE B 98 16.15 18.34 -5.23
C ILE B 98 17.30 18.32 -4.24
N GLN B 99 17.11 18.97 -3.09
CA GLN B 99 18.15 19.05 -2.08
C GLN B 99 18.27 17.70 -1.37
N ARG B 100 19.40 17.03 -1.54
CA ARG B 100 19.64 15.71 -0.97
C ARG B 100 20.60 15.87 0.21
N GLN B 101 20.12 15.52 1.40
CA GLN B 101 20.87 15.75 2.62
C GLN B 101 20.53 14.66 3.64
N GLY B 102 21.17 14.73 4.81
CA GLY B 102 20.88 13.84 5.91
C GLY B 102 20.39 14.62 7.12
N TYR B 103 19.90 13.87 8.09
CA TYR B 103 19.38 14.48 9.32
C TYR B 103 20.51 14.91 10.23
N CYS B 104 20.25 15.96 11.01
CA CYS B 104 21.24 16.47 11.95
CA CYS B 104 21.23 16.48 11.95
C CYS B 104 21.05 15.84 13.33
N ASN B 105 21.93 16.20 14.26
CA ASN B 105 21.90 15.58 15.58
C ASN B 105 20.62 15.91 16.33
N LYS B 106 20.10 17.13 16.15
CA LYS B 106 18.89 17.52 16.86
C LYS B 106 17.68 16.73 16.39
N VAL B 107 17.66 16.33 15.12
CA VAL B 107 16.58 15.48 14.62
C VAL B 107 16.71 14.07 15.19
N LEU B 108 17.94 13.57 15.31
CA LEU B 108 18.16 12.23 15.84
C LEU B 108 17.72 12.15 17.30
N LYS B 109 17.92 13.23 18.07
CA LYS B 109 17.56 13.22 19.48
C LYS B 109 16.04 13.14 19.65
N ARG B 110 15.27 13.73 18.76
CA ARG B 110 13.82 13.69 18.88
C ARG B 110 13.27 12.31 18.55
N ALA B 111 13.82 11.66 17.52
CA ALA B 111 13.31 10.36 17.12
C ALA B 111 13.48 9.31 18.21
N CYS B 112 14.53 9.41 19.01
CA CYS B 112 14.74 8.45 20.08
C CYS B 112 13.79 8.70 21.25
N LEU B 113 13.35 9.94 21.44
CA LEU B 113 12.43 10.25 22.52
C LEU B 113 10.98 9.92 22.18
N GLU B 114 10.66 9.79 20.90
CA GLU B 114 9.31 9.41 20.51
C GLU B 114 9.04 7.96 20.88
N PRO B 115 7.80 7.60 21.24
CA PRO B 115 7.47 6.24 21.63
C PRO B 115 7.05 5.36 20.44
N ALA B 118 3.78 3.62 17.73
CA ALA B 118 5.04 3.26 18.38
C ALA B 118 5.83 2.25 17.54
N ARG B 119 5.15 1.65 16.56
CA ARG B 119 5.75 0.63 15.71
C ARG B 119 5.97 1.21 14.31
N LEU B 120 6.96 2.10 14.21
CA LEU B 120 7.37 2.68 12.95
C LEU B 120 8.84 2.34 12.68
N SER B 121 9.21 2.36 11.41
CA SER B 121 10.59 2.09 11.04
C SER B 121 11.49 3.26 11.47
N VAL B 122 12.77 2.96 11.61
CA VAL B 122 13.73 3.98 12.03
C VAL B 122 13.79 5.11 11.00
N GLU B 123 13.72 4.76 9.72
CA GLU B 123 13.74 5.78 8.67
C GLU B 123 12.51 6.69 8.73
N LYS B 124 11.34 6.10 8.99
CA LYS B 124 10.13 6.91 9.12
C LYS B 124 10.20 7.78 10.38
N ARG B 125 10.77 7.26 11.45
CA ARG B 125 10.87 8.03 12.69
C ARG B 125 11.85 9.19 12.55
N LEU B 126 12.89 9.03 11.74
CA LEU B 126 13.78 10.16 11.47
C LEU B 126 13.11 11.18 10.56
N LEU B 127 12.33 10.72 9.59
CA LEU B 127 11.65 11.64 8.69
C LEU B 127 10.59 12.46 9.41
N VAL B 128 9.81 11.81 10.29
CA VAL B 128 8.80 12.53 11.06
C VAL B 128 9.46 13.55 11.97
N ALA B 129 10.55 13.17 12.64
CA ALA B 129 11.24 14.10 13.51
C ALA B 129 11.81 15.29 12.73
N HIS B 130 12.25 15.05 11.49
CA HIS B 130 12.78 16.14 10.68
C HIS B 130 11.69 17.14 10.33
N VAL B 131 10.48 16.65 10.08
CA VAL B 131 9.36 17.54 9.73
C VAL B 131 8.91 18.33 10.95
N VAL B 132 8.85 17.68 12.10
CA VAL B 132 8.34 18.36 13.30
C VAL B 132 9.36 19.35 13.84
N GLU B 133 10.64 18.98 13.81
CA GLU B 133 11.68 19.85 14.37
C GLU B 133 11.80 21.16 13.59
N HIS B 134 11.95 21.07 12.27
CA HIS B 134 12.12 22.23 11.42
C HIS B 134 10.81 22.83 10.94
N GLN B 135 9.67 22.23 11.29
CA GLN B 135 8.34 22.72 10.92
C GLN B 135 8.23 22.91 9.41
N LEU B 136 8.52 21.84 8.68
CA LEU B 136 8.55 21.92 7.23
C LEU B 136 7.27 21.33 6.63
N PRO B 137 6.80 21.89 5.51
CA PRO B 137 5.65 21.30 4.83
C PRO B 137 6.00 19.92 4.29
N PHE B 138 5.15 18.94 4.59
CA PHE B 138 5.42 17.54 4.31
C PHE B 138 4.40 16.99 3.33
N TYR B 139 4.89 16.28 2.31
CA TYR B 139 4.06 15.63 1.31
C TYR B 139 4.34 14.14 1.34
N THR B 140 3.30 13.32 1.49
CA THR B 140 3.48 11.88 1.54
C THR B 140 2.17 11.19 1.20
N HIS B 141 2.30 9.94 0.72
CA HIS B 141 1.18 9.04 0.54
C HIS B 141 1.15 7.93 1.56
N ASP B 142 2.11 7.91 2.49
CA ASP B 142 2.21 6.86 3.50
C ASP B 142 1.08 7.01 4.50
N ASP B 143 0.11 6.09 4.46
CA ASP B 143 -1.02 6.15 5.38
C ASP B 143 -0.58 6.01 6.83
N SER B 144 0.54 5.31 7.07
CA SER B 144 1.05 5.18 8.43
C SER B 144 1.60 6.50 8.97
N LEU B 145 1.87 7.47 8.08
CA LEU B 145 2.34 8.78 8.50
C LEU B 145 1.25 9.84 8.51
N ARG B 146 0.25 9.72 7.63
CA ARG B 146 -0.81 10.71 7.57
C ARG B 146 -1.79 10.60 8.73
N GLU B 147 -1.80 9.47 9.45
CA GLU B 147 -2.66 9.32 10.60
C GLU B 147 -2.05 9.90 11.88
N LEU B 148 -0.75 10.19 11.87
CA LEU B 148 -0.08 10.73 13.04
C LEU B 148 -0.56 12.15 13.29
N GLY B 149 -1.16 12.39 14.46
CA GLY B 149 -1.61 13.73 14.80
C GLY B 149 -0.48 14.73 14.89
N LEU B 150 0.73 14.25 15.20
CA LEU B 150 1.88 15.15 15.27
C LEU B 150 2.23 15.72 13.91
N LEU B 151 1.98 14.97 12.83
CA LEU B 151 2.28 15.41 11.48
C LEU B 151 1.13 16.18 10.83
N LYS B 152 -0.08 16.09 11.37
CA LYS B 152 -1.22 16.74 10.75
C LYS B 152 -1.05 18.24 10.54
N PRO B 153 -0.45 19.02 11.47
CA PRO B 153 -0.21 20.44 11.18
C PRO B 153 0.76 20.70 10.05
N PHE B 154 1.47 19.69 9.56
CA PHE B 154 2.47 19.87 8.52
C PHE B 154 2.13 19.14 7.22
N LEU B 155 1.04 18.39 7.18
CA LEU B 155 0.63 17.71 5.96
C LEU B 155 0.03 18.71 4.99
N LYS B 156 0.49 18.68 3.74
CA LYS B 156 0.01 19.58 2.70
C LYS B 156 -0.81 18.81 1.68
N THR B 157 -1.65 19.54 0.96
CA THR B 157 -2.52 18.96 -0.06
C THR B 157 -1.78 18.89 -1.38
N PHE B 158 -1.84 17.74 -2.04
CA PHE B 158 -1.19 17.58 -3.33
C PHE B 158 -1.85 18.46 -4.37
N PRO B 159 -1.10 19.31 -5.08
CA PRO B 159 -1.72 20.18 -6.09
C PRO B 159 -2.26 19.36 -7.26
N ALA B 160 -3.20 19.96 -7.97
CA ALA B 160 -3.78 19.32 -9.15
C ALA B 160 -2.82 19.41 -10.33
N SER B 161 -3.15 18.68 -11.39
CA SER B 161 -2.35 18.67 -12.60
C SER B 161 -2.62 19.90 -13.45
N SER B 165 2.58 18.07 -20.61
CA SER B 165 2.27 19.43 -20.21
C SER B 165 2.89 19.75 -18.84
N VAL B 166 3.39 18.71 -18.17
CA VAL B 166 3.98 18.85 -16.84
C VAL B 166 5.45 19.22 -16.97
N PHE B 167 6.22 18.36 -17.61
CA PHE B 167 7.66 18.51 -17.76
C PHE B 167 8.00 19.08 -19.13
N PRO B 168 9.24 19.50 -19.34
CA PRO B 168 9.66 19.91 -20.69
C PRO B 168 9.48 18.78 -21.70
N GLU B 169 9.57 19.16 -22.98
CA GLU B 169 9.30 18.21 -24.06
C GLU B 169 10.25 17.02 -24.01
N ASN B 170 11.49 17.22 -23.56
CA ASN B 170 12.44 16.11 -23.50
C ASN B 170 12.12 15.19 -22.33
N LEU B 171 11.80 15.75 -21.16
CA LEU B 171 11.54 14.93 -19.98
C LEU B 171 10.21 14.19 -20.08
N GLN B 172 9.24 14.76 -20.79
CA GLN B 172 7.96 14.09 -20.96
C GLN B 172 8.11 12.80 -21.77
N ARG B 173 8.98 12.82 -22.78
CA ARG B 173 9.23 11.61 -23.56
C ARG B 173 9.86 10.53 -22.70
N LEU B 174 10.76 10.92 -21.78
CA LEU B 174 11.36 9.95 -20.87
C LEU B 174 10.35 9.41 -19.87
N TYR B 175 9.33 10.21 -19.52
CA TYR B 175 8.32 9.76 -18.58
C TYR B 175 7.35 8.77 -19.22
N GLU B 176 6.90 9.06 -20.44
CA GLU B 176 5.99 8.15 -21.12
C GLU B 176 6.67 6.81 -21.39
N GLN B 177 7.96 6.84 -21.71
CA GLN B 177 8.70 5.60 -21.92
C GLN B 177 8.92 4.84 -20.61
N SER B 178 9.08 5.57 -19.50
CA SER B 178 9.27 4.94 -18.20
C SER B 178 7.97 4.46 -17.58
N GLU B 180 6.21 2.16 -18.44
CA GLU B 180 6.19 0.70 -18.44
C GLU B 180 6.50 0.15 -17.05
N THR B 182 5.78 0.07 -13.14
CA THR B 182 4.64 0.32 -12.24
C THR B 182 5.01 -0.07 -10.82
N ILE B 183 4.51 0.70 -9.86
CA ILE B 183 4.77 0.48 -8.45
C ILE B 183 3.45 0.34 -7.72
N GLY B 184 3.37 -0.65 -6.83
CA GLY B 184 2.20 -0.84 -6.00
C GLY B 184 2.52 -0.59 -4.54
N LYS B 185 1.47 -0.65 -3.71
CA LYS B 185 1.64 -0.49 -2.28
C LYS B 185 2.46 -1.62 -1.67
N GLU B 186 2.50 -2.78 -2.33
CA GLU B 186 3.28 -3.91 -1.84
C GLU B 186 4.77 -3.67 -1.94
N ASP B 187 5.19 -2.73 -2.79
CA ASP B 187 6.62 -2.45 -2.93
C ASP B 187 7.19 -1.74 -1.70
N PHE B 188 6.35 -1.07 -0.93
CA PHE B 188 6.80 -0.40 0.29
C PHE B 188 6.68 -1.27 1.53
N GLN B 189 5.93 -2.38 1.45
CA GLN B 189 5.83 -3.28 2.59
C GLN B 189 7.02 -4.21 2.67
N HIS B 190 7.46 -4.75 1.53
CA HIS B 190 8.61 -5.66 1.48
C HIS B 190 9.81 -4.86 0.99
N VAL B 191 10.43 -4.11 1.92
CA VAL B 191 11.59 -3.31 1.59
C VAL B 191 12.47 -3.14 2.83
N ILE C 26 -15.57 -1.82 4.25
CA ILE C 26 -15.61 -2.75 3.14
C ILE C 26 -16.54 -3.91 3.45
N ALA C 27 -17.33 -4.32 2.46
CA ALA C 27 -18.24 -5.43 2.64
C ALA C 27 -17.48 -6.74 2.72
N VAL C 28 -17.97 -7.64 3.57
CA VAL C 28 -17.36 -8.94 3.81
C VAL C 28 -18.29 -10.02 3.31
N ILE C 29 -17.76 -10.95 2.51
CA ILE C 29 -18.52 -12.09 2.01
C ILE C 29 -17.72 -13.36 2.27
N ASP C 30 -18.41 -14.49 2.22
CA ASP C 30 -17.79 -15.80 2.35
C ASP C 30 -17.91 -16.55 1.02
N ALA C 31 -17.71 -17.87 1.07
CA ALA C 31 -17.80 -18.67 -0.14
C ALA C 31 -19.23 -18.83 -0.62
N THR C 32 -20.22 -18.68 0.26
CA THR C 32 -21.61 -18.85 -0.15
C THR C 32 -22.06 -17.76 -1.10
N VAL C 33 -21.46 -16.57 -1.01
CA VAL C 33 -21.83 -15.49 -1.92
C VAL C 33 -21.14 -15.66 -3.27
N PHE C 34 -19.86 -16.05 -3.26
CA PHE C 34 -19.13 -16.22 -4.51
C PHE C 34 -19.63 -17.43 -5.30
N GLY C 36 -22.44 -18.74 -4.92
CA GLY C 36 -23.87 -18.57 -5.14
C GLY C 36 -24.25 -18.17 -6.54
N HIS C 38 -23.34 -19.69 -9.06
CA HIS C 38 -23.52 -20.96 -9.75
C HIS C 38 -24.38 -21.93 -8.94
N HIS C 39 -25.33 -21.38 -8.18
CA HIS C 39 -26.21 -22.22 -7.37
C HIS C 39 -27.32 -22.81 -8.24
N SER C 40 -27.83 -23.97 -7.81
CA SER C 40 -28.90 -24.62 -8.56
C SER C 40 -30.19 -23.82 -8.51
N ASP C 41 -30.46 -23.16 -7.39
CA ASP C 41 -31.65 -22.34 -7.25
C ASP C 41 -31.47 -21.04 -8.03
N PRO C 42 -32.34 -20.72 -8.99
CA PRO C 42 -32.20 -19.43 -9.68
C PRO C 42 -32.42 -18.24 -8.78
N GLU C 43 -33.13 -18.41 -7.66
CA GLU C 43 -33.30 -17.30 -6.71
C GLU C 43 -31.98 -16.97 -6.02
N VAL C 44 -31.18 -17.99 -5.71
CA VAL C 44 -29.88 -17.74 -5.08
C VAL C 44 -28.90 -17.16 -6.09
N ARG C 45 -29.01 -17.53 -7.36
CA ARG C 45 -28.14 -16.96 -8.38
C ARG C 45 -28.47 -15.50 -8.63
N ALA C 46 -29.76 -15.17 -8.77
CA ALA C 46 -30.16 -13.78 -8.96
C ALA C 46 -29.79 -12.92 -7.77
N GLN C 47 -29.70 -13.53 -6.58
CA GLN C 47 -29.29 -12.78 -5.40
C GLN C 47 -27.78 -12.54 -5.38
N SER C 48 -27.01 -13.53 -5.80
CA SER C 48 -25.55 -13.37 -5.83
C SER C 48 -25.12 -12.46 -6.98
N LEU C 49 -25.76 -12.61 -8.14
CA LEU C 49 -25.43 -11.74 -9.27
C LEU C 49 -25.80 -10.29 -8.97
N GLY C 50 -26.87 -10.08 -8.20
CA GLY C 50 -27.24 -8.72 -7.81
C GLY C 50 -26.23 -8.07 -6.90
N PHE C 51 -25.52 -8.88 -6.10
CA PHE C 51 -24.49 -8.33 -5.22
C PHE C 51 -23.25 -7.93 -6.02
N PHE C 52 -22.69 -8.88 -6.78
CA PHE C 52 -21.48 -8.59 -7.55
C PHE C 52 -21.74 -7.53 -8.62
N GLY C 53 -22.98 -7.43 -9.10
CA GLY C 53 -23.30 -6.38 -10.06
C GLY C 53 -23.29 -5.00 -9.46
N ALA C 54 -23.60 -4.89 -8.17
CA ALA C 54 -23.61 -3.61 -7.47
C ALA C 54 -22.30 -3.31 -6.75
N PHE C 55 -21.45 -4.32 -6.55
CA PHE C 55 -20.16 -4.13 -5.88
C PHE C 55 -18.98 -4.45 -6.78
N TYR C 56 -19.17 -4.37 -8.11
CA TYR C 56 -18.07 -4.62 -9.02
C TYR C 56 -17.02 -3.51 -8.95
N SER C 57 -17.45 -2.28 -8.69
CA SER C 57 -16.56 -1.13 -8.63
C SER C 57 -16.36 -0.64 -7.20
N ARG C 58 -16.45 -1.54 -6.22
CA ARG C 58 -16.29 -1.21 -4.81
C ARG C 58 -15.36 -2.22 -4.16
N GLN C 59 -15.16 -2.07 -2.85
CA GLN C 59 -14.26 -2.93 -2.08
C GLN C 59 -15.03 -4.13 -1.56
N VAL C 60 -14.49 -5.33 -1.81
CA VAL C 60 -15.03 -6.57 -1.27
C VAL C 60 -13.90 -7.32 -0.58
N SER C 63 -11.52 -13.70 3.22
CA SER C 63 -10.41 -14.28 3.95
C SER C 63 -9.74 -15.38 3.11
N PHE C 64 -8.53 -15.76 3.53
CA PHE C 64 -7.80 -16.82 2.84
C PHE C 64 -8.56 -18.14 2.93
N GLY C 65 -9.24 -18.39 4.05
CA GLY C 65 -9.95 -19.65 4.21
C GLY C 65 -11.12 -19.77 3.25
N GLN C 66 -11.88 -18.69 3.06
CA GLN C 66 -13.03 -18.75 2.17
C GLN C 66 -12.60 -18.98 0.73
N ILE C 67 -11.45 -18.42 0.35
CA ILE C 67 -10.93 -18.65 -1.00
C ILE C 67 -10.54 -20.12 -1.17
N GLY C 68 -9.89 -20.69 -0.17
CA GLY C 68 -9.55 -22.11 -0.23
C GLY C 68 -10.77 -23.00 -0.26
N ILE C 69 -11.86 -22.59 0.41
CA ILE C 69 -13.09 -23.35 0.35
C ILE C 69 -13.65 -23.37 -1.07
N CYS C 70 -13.52 -22.25 -1.79
CA CYS C 70 -13.99 -22.18 -3.16
C CYS C 70 -13.21 -23.16 -4.04
N ASP C 71 -11.88 -23.10 -3.98
CA ASP C 71 -11.06 -23.99 -4.81
C ASP C 71 -11.21 -25.45 -4.40
N ALA C 72 -11.44 -25.72 -3.12
CA ALA C 72 -11.61 -27.10 -2.68
C ALA C 72 -12.88 -27.71 -3.26
N ILE C 73 -13.89 -26.90 -3.55
CA ILE C 73 -15.11 -27.40 -4.14
C ILE C 73 -14.93 -27.66 -5.63
N ILE C 74 -14.17 -26.80 -6.31
CA ILE C 74 -14.00 -26.94 -7.75
C ILE C 74 -13.14 -28.14 -8.09
N TRP C 75 -12.03 -28.32 -7.38
CA TRP C 75 -11.09 -29.40 -7.68
C TRP C 75 -11.68 -30.78 -7.43
N LYS C 76 -12.80 -30.88 -6.72
CA LYS C 76 -13.48 -32.16 -6.54
C LYS C 76 -14.37 -32.51 -7.71
N LYS C 77 -14.42 -31.69 -8.75
CA LYS C 77 -15.27 -31.91 -9.91
C LYS C 77 -14.42 -32.30 -11.12
N SER C 78 -15.09 -32.53 -12.23
CA SER C 78 -14.44 -33.04 -13.43
C SER C 78 -13.52 -31.99 -14.05
N ARG C 79 -12.61 -32.47 -14.91
CA ARG C 79 -11.67 -31.57 -15.58
C ARG C 79 -12.39 -30.63 -16.53
N HIS C 80 -13.40 -31.13 -17.26
CA HIS C 80 -14.14 -30.28 -18.18
C HIS C 80 -14.86 -29.15 -17.45
N LEU C 81 -15.43 -29.45 -16.28
CA LEU C 81 -16.14 -28.42 -15.53
C LEU C 81 -15.19 -27.41 -14.91
N GLN C 82 -13.95 -27.81 -14.61
CA GLN C 82 -12.98 -26.86 -14.07
C GLN C 82 -12.50 -25.90 -15.14
N ASP C 83 -12.30 -26.39 -16.37
CA ASP C 83 -11.77 -25.56 -17.44
C ASP C 83 -12.78 -24.56 -17.97
N VAL C 84 -14.06 -24.70 -17.63
CA VAL C 84 -15.07 -23.74 -18.06
C VAL C 84 -15.47 -22.77 -16.95
N TYR C 85 -15.19 -23.10 -15.69
CA TYR C 85 -15.52 -22.22 -14.57
C TYR C 85 -14.34 -21.35 -14.16
N TYR C 86 -13.14 -21.91 -14.17
CA TYR C 86 -11.96 -21.15 -13.74
C TYR C 86 -11.71 -19.88 -14.56
N PRO C 87 -11.86 -19.86 -15.89
CA PRO C 87 -11.68 -18.59 -16.61
C PRO C 87 -12.61 -17.48 -16.15
N PHE C 88 -13.74 -17.81 -15.52
CA PHE C 88 -14.62 -16.77 -15.00
C PHE C 88 -14.17 -16.29 -13.62
N ASP C 90 -11.05 -16.44 -12.30
CA ASP C 90 -9.74 -15.81 -12.31
C ASP C 90 -9.82 -14.36 -12.80
N VAL C 91 -10.56 -14.13 -13.89
CA VAL C 91 -10.72 -12.77 -14.39
C VAL C 91 -11.54 -11.93 -13.40
N LEU C 92 -12.46 -12.56 -12.67
CA LEU C 92 -13.25 -11.83 -11.69
C LEU C 92 -12.39 -11.33 -10.54
N HIS C 93 -11.56 -12.20 -9.98
CA HIS C 93 -10.68 -11.80 -8.89
C HIS C 93 -9.61 -10.82 -9.34
N THR C 94 -9.31 -10.75 -10.63
CA THR C 94 -8.29 -9.84 -11.14
C THR C 94 -8.86 -8.47 -11.47
N ASP C 95 -9.96 -8.42 -12.21
CA ASP C 95 -10.53 -7.14 -12.63
C ASP C 95 -11.27 -6.45 -11.48
N ASP C 97 -11.94 -5.42 -7.49
CA ASP C 97 -11.11 -5.10 -6.33
C ASP C 97 -11.61 -5.93 -5.15
N ILE C 98 -11.12 -7.17 -5.05
CA ILE C 98 -11.47 -8.08 -3.97
C ILE C 98 -10.29 -8.16 -3.01
N GLN C 99 -10.46 -7.58 -1.82
CA GLN C 99 -9.39 -7.61 -0.83
C GLN C 99 -9.26 -9.01 -0.25
N ARG C 100 -8.11 -9.62 -0.44
CA ARG C 100 -7.84 -10.99 0.00
C ARG C 100 -6.74 -10.95 1.04
N GLN C 101 -7.10 -11.26 2.29
CA GLN C 101 -6.17 -11.15 3.41
C GLN C 101 -6.55 -12.19 4.45
N GLY C 102 -5.77 -12.23 5.53
CA GLY C 102 -6.02 -13.12 6.64
C GLY C 102 -6.57 -12.39 7.86
N TYR C 103 -6.80 -13.16 8.92
CA TYR C 103 -7.30 -12.58 10.15
C TYR C 103 -6.16 -12.05 11.00
N CYS C 104 -6.48 -11.10 11.88
CA CYS C 104 -5.51 -10.48 12.76
CA CYS C 104 -5.52 -10.48 12.76
C CYS C 104 -5.55 -11.14 14.15
N ASN C 105 -4.58 -10.77 14.97
CA ASN C 105 -4.45 -11.38 16.30
C ASN C 105 -5.66 -11.06 17.18
N LYS C 106 -6.28 -9.90 16.99
CA LYS C 106 -7.45 -9.56 17.79
C LYS C 106 -8.64 -10.47 17.48
N VAL C 107 -8.73 -10.95 16.24
CA VAL C 107 -9.83 -11.84 15.88
C VAL C 107 -9.61 -13.23 16.46
N LEU C 108 -8.36 -13.69 16.50
CA LEU C 108 -8.06 -15.02 17.02
C LEU C 108 -8.40 -15.12 18.51
N LYS C 109 -8.17 -14.05 19.27
CA LYS C 109 -8.49 -14.07 20.69
C LYS C 109 -10.00 -14.05 20.91
N ARG C 110 -10.76 -13.48 19.97
CA ARG C 110 -12.21 -13.45 20.12
C ARG C 110 -12.83 -14.83 19.89
N ALA C 111 -12.33 -15.57 18.90
CA ALA C 111 -12.90 -16.88 18.61
C ALA C 111 -12.65 -17.88 19.73
N CYS C 112 -11.59 -17.67 20.53
CA CYS C 112 -11.29 -18.56 21.64
C CYS C 112 -12.08 -18.23 22.90
N LEU C 113 -12.98 -17.25 22.84
CA LEU C 113 -13.81 -16.89 23.99
C LEU C 113 -15.29 -17.16 23.75
N GLU C 114 -15.73 -17.28 22.49
CA GLU C 114 -17.12 -17.52 22.17
C GLU C 114 -17.42 -19.02 22.23
N PRO C 115 -18.67 -19.39 22.54
CA PRO C 115 -19.02 -20.82 22.58
C PRO C 115 -19.59 -21.31 21.25
N ASP C 116 -18.99 -20.87 20.15
CA ASP C 116 -19.43 -21.28 18.82
C ASP C 116 -18.84 -22.63 18.43
N LEU C 120 -20.00 -24.83 15.29
CA LEU C 120 -19.44 -24.22 14.09
C LEU C 120 -17.98 -24.62 13.90
N SER C 121 -17.53 -24.60 12.65
CA SER C 121 -16.14 -24.91 12.35
C SER C 121 -15.23 -23.75 12.77
N VAL C 122 -13.92 -24.03 12.79
CA VAL C 122 -12.96 -23.01 13.16
C VAL C 122 -12.94 -21.88 12.13
N GLU C 123 -13.02 -22.23 10.85
CA GLU C 123 -13.04 -21.21 9.81
C GLU C 123 -14.30 -20.34 9.90
N LYS C 124 -15.43 -20.96 10.26
CA LYS C 124 -16.64 -20.17 10.47
C LYS C 124 -16.54 -19.29 11.72
N ARG C 125 -15.98 -19.84 12.79
CA ARG C 125 -15.84 -19.07 14.03
C ARG C 125 -14.89 -17.89 13.83
N LEU C 126 -13.83 -18.08 13.04
CA LEU C 126 -12.93 -16.97 12.75
C LEU C 126 -13.62 -15.91 11.89
N LEU C 127 -14.48 -16.34 10.98
CA LEU C 127 -15.19 -15.39 10.13
C LEU C 127 -16.20 -14.57 10.93
N VAL C 128 -16.94 -15.23 11.83
CA VAL C 128 -17.90 -14.51 12.66
C VAL C 128 -17.18 -13.55 13.59
N ALA C 129 -16.05 -13.98 14.16
CA ALA C 129 -15.29 -13.11 15.06
C ALA C 129 -14.70 -11.91 14.32
N HIS C 130 -14.33 -12.09 13.05
CA HIS C 130 -13.76 -10.98 12.29
C HIS C 130 -14.81 -9.92 11.99
N VAL C 131 -16.04 -10.34 11.69
CA VAL C 131 -17.10 -9.39 11.37
C VAL C 131 -17.54 -8.63 12.62
N VAL C 132 -17.62 -9.33 13.75
CA VAL C 132 -18.10 -8.69 14.97
C VAL C 132 -17.03 -7.76 15.54
N GLU C 133 -15.77 -8.19 15.56
CA GLU C 133 -14.71 -7.38 16.13
C GLU C 133 -14.51 -6.08 15.34
N HIS C 134 -14.53 -6.16 14.02
CA HIS C 134 -14.30 -4.99 13.18
C HIS C 134 -15.58 -4.27 12.77
N GLN C 135 -16.75 -4.81 13.14
CA GLN C 135 -18.03 -4.14 12.91
C GLN C 135 -18.25 -3.85 11.44
N LEU C 136 -18.14 -4.91 10.62
CA LEU C 136 -18.19 -4.80 9.17
C LEU C 136 -19.52 -5.33 8.62
N PRO C 137 -19.99 -4.79 7.49
CA PRO C 137 -21.19 -5.35 6.85
C PRO C 137 -20.88 -6.71 6.24
N PHE C 138 -21.76 -7.68 6.51
CA PHE C 138 -21.52 -9.07 6.14
C PHE C 138 -22.65 -9.57 5.25
N TYR C 139 -22.27 -10.26 4.17
CA TYR C 139 -23.21 -10.88 3.24
C TYR C 139 -22.92 -12.37 3.20
N THR C 140 -23.96 -13.19 3.34
CA THR C 140 -23.79 -14.63 3.33
C THR C 140 -25.13 -15.30 3.04
N HIS C 141 -25.03 -16.53 2.53
CA HIS C 141 -26.18 -17.41 2.36
C HIS C 141 -26.16 -18.58 3.32
N ASP C 142 -25.13 -18.67 4.17
CA ASP C 142 -25.00 -19.77 5.12
C ASP C 142 -26.04 -19.62 6.22
N ASP C 143 -27.00 -20.54 6.26
CA ASP C 143 -28.05 -20.46 7.28
C ASP C 143 -27.49 -20.64 8.68
N SER C 144 -26.38 -21.36 8.83
CA SER C 144 -25.76 -21.52 10.15
C SER C 144 -25.20 -20.21 10.68
N LEU C 145 -24.93 -19.24 9.80
CA LEU C 145 -24.41 -17.94 10.22
C LEU C 145 -25.50 -16.88 10.40
N ARG C 146 -26.55 -16.93 9.59
CA ARG C 146 -27.60 -15.92 9.68
C ARG C 146 -28.46 -16.10 10.92
N GLU C 147 -28.43 -17.26 11.56
CA GLU C 147 -29.20 -17.51 12.76
C GLU C 147 -28.48 -17.12 14.04
N LEU C 148 -27.23 -16.67 13.94
CA LEU C 148 -26.47 -16.25 15.12
C LEU C 148 -26.91 -14.85 15.53
N GLY C 149 -27.32 -14.70 16.79
CA GLY C 149 -27.78 -13.41 17.26
C GLY C 149 -26.69 -12.36 17.26
N LEU C 150 -25.47 -12.75 17.66
CA LEU C 150 -24.37 -11.79 17.69
C LEU C 150 -23.99 -11.30 16.29
N LEU C 151 -24.37 -12.02 15.24
CA LEU C 151 -24.07 -11.64 13.87
C LEU C 151 -25.23 -10.92 13.19
N LYS C 152 -26.43 -10.97 13.78
CA LYS C 152 -27.58 -10.31 13.16
C LYS C 152 -27.41 -8.80 12.98
N PRO C 153 -26.84 -8.04 13.92
CA PRO C 153 -26.68 -6.59 13.69
C PRO C 153 -25.72 -6.23 12.56
N PHE C 154 -25.16 -7.21 11.84
CA PHE C 154 -24.22 -6.95 10.76
C PHE C 154 -24.65 -7.50 9.41
N LEU C 155 -25.63 -8.40 9.37
CA LEU C 155 -26.10 -8.94 8.10
C LEU C 155 -26.84 -7.86 7.31
N LYS C 156 -26.44 -7.66 6.07
CA LYS C 156 -27.05 -6.67 5.19
C LYS C 156 -27.99 -7.34 4.20
N THR C 157 -28.85 -6.52 3.60
CA THR C 157 -29.82 -7.01 2.63
C THR C 157 -29.18 -7.08 1.26
N PHE C 158 -29.32 -8.22 0.60
CA PHE C 158 -28.73 -8.41 -0.72
C PHE C 158 -29.48 -7.58 -1.75
N PRO C 159 -28.79 -6.76 -2.54
CA PRO C 159 -29.46 -6.00 -3.60
C PRO C 159 -30.01 -6.93 -4.67
N ALA C 160 -31.08 -6.48 -5.32
CA ALA C 160 -31.72 -7.27 -6.36
C ALA C 160 -30.89 -7.23 -7.65
N SER C 161 -31.33 -8.02 -8.63
CA SER C 161 -30.64 -8.10 -9.91
C SER C 161 -31.41 -7.32 -10.98
N SER C 165 -26.10 -10.08 -17.00
CA SER C 165 -26.54 -8.72 -17.36
C SER C 165 -26.01 -7.70 -16.36
N VAL C 166 -24.89 -8.02 -15.72
CA VAL C 166 -24.29 -7.14 -14.72
C VAL C 166 -22.81 -6.99 -15.00
N PHE C 167 -22.18 -8.05 -15.50
CA PHE C 167 -20.75 -8.04 -15.78
C PHE C 167 -20.48 -7.41 -17.15
N PRO C 168 -19.26 -6.89 -17.35
CA PRO C 168 -18.85 -6.45 -18.70
C PRO C 168 -19.05 -7.54 -19.75
N GLU C 169 -19.13 -7.15 -21.02
CA GLU C 169 -19.43 -8.12 -22.07
C GLU C 169 -18.37 -9.21 -22.15
N ASN C 170 -17.09 -8.83 -22.05
CA ASN C 170 -16.02 -9.83 -22.06
C ASN C 170 -16.09 -10.72 -20.83
N LEU C 171 -16.50 -10.17 -19.68
CA LEU C 171 -16.61 -10.96 -18.46
C LEU C 171 -17.92 -11.74 -18.42
N GLN C 172 -19.01 -11.18 -18.96
CA GLN C 172 -20.28 -11.89 -18.95
C GLN C 172 -20.25 -13.13 -19.83
N ARG C 173 -19.51 -13.08 -20.93
CA ARG C 173 -19.41 -14.25 -21.80
C ARG C 173 -18.72 -15.40 -21.08
N LEU C 174 -17.73 -15.09 -20.24
CA LEU C 174 -17.08 -16.13 -19.45
C LEU C 174 -18.02 -16.69 -18.39
N TYR C 175 -18.93 -15.85 -17.86
CA TYR C 175 -19.86 -16.34 -16.85
C TYR C 175 -20.92 -17.25 -17.45
N GLU C 176 -21.37 -16.94 -18.67
CA GLU C 176 -22.38 -17.79 -19.31
C GLU C 176 -21.81 -19.17 -19.61
N GLN C 177 -20.57 -19.24 -20.09
CA GLN C 177 -19.94 -20.53 -20.34
C GLN C 177 -19.66 -21.29 -19.06
N SER C 178 -19.55 -20.59 -17.93
CA SER C 178 -19.30 -21.23 -16.65
C SER C 178 -20.56 -21.75 -15.98
N GLU C 180 -22.27 -24.00 -16.81
CA GLU C 180 -22.29 -25.46 -16.95
C GLU C 180 -22.03 -26.15 -15.62
N THR C 182 -22.68 -26.51 -11.69
CA THR C 182 -23.74 -26.22 -10.74
C THR C 182 -23.28 -26.58 -9.34
N ILE C 183 -23.36 -25.61 -8.42
CA ILE C 183 -22.96 -25.79 -7.03
C ILE C 183 -24.22 -25.80 -6.17
N GLY C 184 -24.34 -26.80 -5.30
CA GLY C 184 -25.48 -26.92 -4.43
C GLY C 184 -25.09 -26.87 -2.96
N LYS C 185 -26.09 -27.06 -2.10
CA LYS C 185 -25.84 -27.09 -0.66
C LYS C 185 -25.01 -28.30 -0.26
N GLU C 186 -24.98 -29.34 -1.11
CA GLU C 186 -24.14 -30.50 -0.84
C GLU C 186 -22.67 -30.15 -0.85
N ASP C 187 -22.26 -29.20 -1.69
CA ASP C 187 -20.85 -28.88 -1.84
C ASP C 187 -20.27 -28.29 -0.55
N PHE C 188 -21.00 -27.37 0.09
CA PHE C 188 -20.49 -26.74 1.30
C PHE C 188 -20.53 -27.67 2.50
N GLN C 189 -21.30 -28.75 2.45
CA GLN C 189 -21.38 -29.70 3.55
C GLN C 189 -20.35 -30.81 3.47
N HIS C 190 -19.80 -31.07 2.28
CA HIS C 190 -18.82 -32.13 2.09
C HIS C 190 -17.46 -31.51 1.74
N VAL C 191 -16.87 -30.85 2.73
CA VAL C 191 -15.55 -30.25 2.57
C VAL C 191 -14.68 -30.58 3.78
N SER D 25 26.92 -14.66 8.81
CA SER D 25 27.20 -13.24 9.04
C SER D 25 27.54 -12.54 7.73
N ILE D 26 26.67 -11.64 7.29
CA ILE D 26 26.91 -10.90 6.04
C ILE D 26 27.78 -9.69 6.33
N ALA D 27 28.72 -9.43 5.42
CA ALA D 27 29.62 -8.30 5.57
C ALA D 27 28.88 -7.00 5.29
N VAL D 28 29.26 -5.95 6.03
CA VAL D 28 28.65 -4.63 5.93
C VAL D 28 29.65 -3.69 5.27
N ILE D 29 29.18 -2.93 4.28
CA ILE D 29 29.98 -1.91 3.60
C ILE D 29 29.21 -0.60 3.61
N ASP D 30 29.91 0.48 3.23
CA ASP D 30 29.30 1.79 3.14
C ASP D 30 29.48 2.36 1.74
N ALA D 31 29.27 3.67 1.60
CA ALA D 31 29.40 4.31 0.29
C ALA D 31 30.85 4.41 -0.16
N THR D 32 31.78 4.48 0.78
CA THR D 32 33.18 4.63 0.42
C THR D 32 33.71 3.41 -0.31
N VAL D 33 33.20 2.22 0.01
CA VAL D 33 33.64 1.01 -0.67
C VAL D 33 33.09 0.96 -2.09
N PHE D 34 31.81 1.31 -2.26
CA PHE D 34 31.22 1.29 -3.58
C PHE D 34 31.82 2.36 -4.47
N GLY D 36 34.68 3.55 -4.09
CA GLY D 36 36.12 3.32 -4.13
C GLY D 36 36.62 2.73 -5.43
N HIS D 38 36.18 3.87 -8.24
CA HIS D 38 36.45 4.99 -9.14
C HIS D 38 37.24 6.08 -8.42
N HIS D 39 38.03 5.70 -7.42
CA HIS D 39 38.82 6.67 -6.67
C HIS D 39 40.06 7.07 -7.46
N SER D 40 40.50 8.31 -7.25
CA SER D 40 41.69 8.80 -7.94
C SER D 40 42.93 8.02 -7.50
N ASP D 41 43.04 7.72 -6.21
CA ASP D 41 44.11 6.89 -5.69
C ASP D 41 43.93 5.45 -6.17
N PRO D 42 44.83 4.92 -6.99
CA PRO D 42 44.64 3.53 -7.47
C PRO D 42 44.87 2.48 -6.39
N GLU D 43 45.47 2.85 -5.26
CA GLU D 43 45.58 1.92 -4.14
C GLU D 43 44.22 1.66 -3.52
N VAL D 44 43.44 2.72 -3.29
CA VAL D 44 42.08 2.56 -2.80
C VAL D 44 41.21 1.90 -3.87
N ARG D 45 41.52 2.13 -5.15
CA ARG D 45 40.75 1.52 -6.22
C ARG D 45 40.94 0.00 -6.24
N ALA D 46 42.15 -0.46 -5.95
CA ALA D 46 42.41 -1.91 -5.96
C ALA D 46 41.76 -2.61 -4.78
N GLN D 47 41.66 -1.94 -3.62
CA GLN D 47 41.05 -2.56 -2.46
C GLN D 47 39.55 -2.79 -2.68
N SER D 48 38.88 -1.83 -3.31
CA SER D 48 37.45 -1.99 -3.60
C SER D 48 37.22 -3.05 -4.65
N LEU D 49 38.06 -3.08 -5.70
CA LEU D 49 37.95 -4.12 -6.71
C LEU D 49 38.25 -5.50 -6.12
N GLY D 50 39.24 -5.58 -5.23
CA GLY D 50 39.55 -6.86 -4.61
C GLY D 50 38.45 -7.36 -3.71
N PHE D 51 37.72 -6.45 -3.05
CA PHE D 51 36.63 -6.87 -2.19
C PHE D 51 35.44 -7.33 -3.00
N PHE D 52 35.05 -6.54 -4.02
CA PHE D 52 33.89 -6.88 -4.82
C PHE D 52 34.10 -8.18 -5.59
N GLY D 53 35.31 -8.40 -6.09
CA GLY D 53 35.60 -9.64 -6.78
C GLY D 53 35.62 -10.85 -5.86
N ALA D 54 35.97 -10.64 -4.59
CA ALA D 54 36.01 -11.71 -3.62
C ALA D 54 34.67 -11.94 -2.93
N PHE D 55 33.77 -10.96 -2.98
CA PHE D 55 32.46 -11.08 -2.34
C PHE D 55 31.32 -11.14 -3.35
N TYR D 56 31.63 -11.27 -4.64
CA TYR D 56 30.58 -11.56 -5.61
C TYR D 56 29.99 -12.94 -5.33
N SER D 57 28.70 -13.09 -5.58
CA SER D 57 27.93 -14.28 -5.25
C SER D 57 27.91 -14.56 -3.74
N ARG D 58 28.16 -13.55 -2.94
CA ARG D 58 28.04 -13.61 -1.48
C ARG D 58 27.10 -12.49 -1.02
N GLN D 59 26.83 -12.49 0.29
CA GLN D 59 25.89 -11.53 0.87
C GLN D 59 26.63 -10.29 1.35
N VAL D 60 26.18 -9.13 0.89
CA VAL D 60 26.73 -7.84 1.31
C VAL D 60 25.57 -6.96 1.76
N SER D 63 22.92 -0.04 3.81
CA SER D 63 21.76 0.63 4.36
C SER D 63 21.15 1.58 3.32
N PHE D 64 19.92 2.01 3.61
CA PHE D 64 19.25 2.95 2.72
C PHE D 64 20.01 4.27 2.65
N GLY D 65 20.61 4.69 3.75
CA GLY D 65 21.34 5.95 3.76
C GLY D 65 22.58 5.91 2.89
N GLN D 66 23.35 4.81 2.96
CA GLN D 66 24.57 4.71 2.17
C GLN D 66 24.27 4.71 0.68
N ILE D 67 23.16 4.08 0.28
CA ILE D 67 22.76 4.10 -1.12
C ILE D 67 22.40 5.52 -1.55
N GLY D 68 21.68 6.25 -0.70
CA GLY D 68 21.35 7.63 -1.00
C GLY D 68 22.57 8.53 -1.07
N ILE D 69 23.60 8.23 -0.28
CA ILE D 69 24.85 8.98 -0.36
C ILE D 69 25.50 8.75 -1.72
N CYS D 70 25.40 7.53 -2.25
CA CYS D 70 26.00 7.23 -3.54
C CYS D 70 25.35 8.05 -4.65
N ASP D 71 24.01 8.05 -4.70
CA ASP D 71 23.31 8.80 -5.74
C ASP D 71 23.48 10.30 -5.56
N ALA D 72 23.57 10.77 -4.31
CA ALA D 72 23.79 12.20 -4.08
C ALA D 72 25.13 12.66 -4.66
N ILE D 73 26.09 11.74 -4.76
CA ILE D 73 27.37 12.07 -5.38
C ILE D 73 27.26 12.06 -6.89
N ILE D 74 26.61 11.04 -7.45
CA ILE D 74 26.56 10.88 -8.90
C ILE D 74 25.67 11.94 -9.53
N TRP D 75 24.57 12.30 -8.86
CA TRP D 75 23.63 13.25 -9.42
C TRP D 75 24.17 14.68 -9.49
N LYS D 76 25.35 14.94 -8.92
CA LYS D 76 26.01 16.23 -9.07
C LYS D 76 27.03 16.23 -10.19
N LYS D 77 27.23 15.10 -10.87
CA LYS D 77 28.13 15.03 -12.01
C LYS D 77 27.37 15.39 -13.29
N SER D 78 28.08 15.37 -14.41
CA SER D 78 27.46 15.73 -15.68
C SER D 78 26.51 14.64 -16.15
N ARG D 79 25.65 15.01 -17.11
CA ARG D 79 24.73 14.03 -17.70
C ARG D 79 25.50 12.91 -18.38
N HIS D 80 26.63 13.24 -19.02
CA HIS D 80 27.44 12.21 -19.66
C HIS D 80 28.06 11.27 -18.65
N LEU D 81 28.57 11.81 -17.54
CA LEU D 81 29.19 10.98 -16.51
C LEU D 81 28.16 10.06 -15.86
N GLN D 82 26.92 10.52 -15.71
CA GLN D 82 25.89 9.66 -15.12
C GLN D 82 25.45 8.57 -16.09
N ASP D 83 25.35 8.90 -17.38
CA ASP D 83 24.90 7.93 -18.37
C ASP D 83 25.92 6.82 -18.60
N VAL D 84 27.17 7.02 -18.18
CA VAL D 84 28.21 6.02 -18.40
C VAL D 84 28.46 5.25 -17.11
N TYR D 85 28.15 5.86 -15.96
CA TYR D 85 28.40 5.22 -14.68
C TYR D 85 27.19 4.42 -14.18
N TYR D 86 26.00 4.99 -14.29
CA TYR D 86 24.82 4.32 -13.75
C TYR D 86 24.57 2.92 -14.32
N PRO D 87 24.78 2.65 -15.62
CA PRO D 87 24.66 1.26 -16.08
C PRO D 87 25.55 0.29 -15.32
N PHE D 88 26.71 0.74 -14.83
CA PHE D 88 27.57 -0.14 -14.04
C PHE D 88 26.99 -0.37 -12.65
N ASP D 90 23.83 0.01 -11.69
CA ASP D 90 22.52 -0.64 -11.75
C ASP D 90 22.65 -2.14 -11.94
N VAL D 91 23.47 -2.58 -12.89
CA VAL D 91 23.66 -4.01 -13.11
C VAL D 91 24.34 -4.67 -11.91
N LEU D 92 25.21 -3.93 -11.22
CA LEU D 92 25.91 -4.49 -10.06
C LEU D 92 24.95 -4.77 -8.92
N HIS D 93 24.03 -3.85 -8.65
CA HIS D 93 23.05 -4.06 -7.58
C HIS D 93 22.03 -5.13 -7.92
N THR D 94 21.85 -5.45 -9.20
CA THR D 94 20.87 -6.44 -9.62
C THR D 94 21.44 -7.86 -9.61
N ASP D 95 22.65 -8.04 -10.14
CA ASP D 95 23.22 -9.38 -10.24
C ASP D 95 23.75 -9.87 -8.90
N ASP D 97 23.87 -10.21 -4.78
CA ASP D 97 22.94 -10.24 -3.65
C ASP D 97 23.40 -9.21 -2.62
N ILE D 98 23.03 -7.96 -2.87
CA ILE D 98 23.33 -6.85 -1.97
C ILE D 98 22.09 -6.59 -1.13
N GLN D 99 22.12 -6.99 0.13
CA GLN D 99 20.99 -6.78 1.03
C GLN D 99 20.84 -5.29 1.34
N ARG D 100 19.72 -4.72 0.91
CA ARG D 100 19.44 -3.30 1.09
C ARG D 100 18.29 -3.17 2.07
N GLN D 101 18.59 -2.73 3.30
CA GLN D 101 17.61 -2.71 4.38
C GLN D 101 17.85 -1.48 5.24
N GLY D 102 16.90 -1.22 6.13
CA GLY D 102 17.01 -0.14 7.08
C GLY D 102 17.44 -0.63 8.45
N TYR D 103 17.90 0.30 9.28
CA TYR D 103 18.34 -0.03 10.62
C TYR D 103 17.16 -0.41 11.49
N CYS D 104 17.37 -1.40 12.37
CA CYS D 104 16.32 -1.86 13.26
CA CYS D 104 16.32 -1.86 13.26
C CYS D 104 16.19 -0.93 14.47
N ASN D 105 15.22 -1.25 15.33
CA ASN D 105 14.96 -0.40 16.49
C ASN D 105 16.12 -0.40 17.48
N LYS D 106 16.80 -1.55 17.63
CA LYS D 106 17.91 -1.63 18.58
C LYS D 106 19.09 -0.77 18.14
N VAL D 107 19.33 -0.66 16.83
CA VAL D 107 20.42 0.18 16.34
C VAL D 107 20.14 1.65 16.65
N LEU D 108 18.88 2.07 16.53
CA LEU D 108 18.53 3.46 16.80
C LEU D 108 18.78 3.81 18.27
N LYS D 109 18.42 2.90 19.18
CA LYS D 109 18.63 3.16 20.59
C LYS D 109 20.11 3.24 20.96
N ARG D 110 20.96 2.51 20.22
CA ARG D 110 22.38 2.54 20.50
C ARG D 110 23.05 3.81 19.99
N ALA D 111 22.58 4.35 18.86
CA ALA D 111 23.21 5.54 18.29
C ALA D 111 22.97 6.77 19.17
N CYS D 112 21.79 6.86 19.78
CA CYS D 112 21.48 8.02 20.61
C CYS D 112 22.28 8.01 21.91
N LEU D 113 22.59 6.82 22.44
CA LEU D 113 23.39 6.72 23.65
C LEU D 113 24.86 7.05 23.40
N GLU D 114 25.30 7.09 22.15
CA GLU D 114 26.67 7.45 21.85
C GLU D 114 26.91 8.91 22.21
N PRO D 115 28.15 9.26 22.61
CA PRO D 115 28.44 10.67 22.92
C PRO D 115 28.57 11.52 21.68
N ASP D 116 29.39 12.58 21.74
CA ASP D 116 29.63 13.40 20.56
C ASP D 116 30.31 12.60 19.46
N TRP D 117 31.38 11.87 19.81
CA TRP D 117 32.13 11.02 18.88
C TRP D 117 32.60 11.81 17.66
N ALA D 118 33.40 12.84 17.92
CA ALA D 118 34.02 13.62 16.86
C ALA D 118 32.95 14.29 15.98
N ARG D 119 31.76 14.48 16.56
CA ARG D 119 30.61 15.08 15.88
C ARG D 119 30.30 14.39 14.55
N LEU D 120 30.25 13.06 14.56
CA LEU D 120 29.94 12.32 13.35
C LEU D 120 28.48 12.52 12.96
N SER D 121 28.21 12.39 11.66
CA SER D 121 26.86 12.56 11.16
C SER D 121 25.94 11.46 11.70
N VAL D 122 24.63 11.72 11.62
CA VAL D 122 23.65 10.76 12.10
C VAL D 122 23.73 9.47 11.30
N GLU D 123 24.01 9.57 10.00
CA GLU D 123 24.14 8.38 9.18
C GLU D 123 25.33 7.53 9.61
N LYS D 124 26.46 8.17 9.91
CA LYS D 124 27.62 7.42 10.37
C LYS D 124 27.39 6.82 11.76
N ARG D 125 26.68 7.55 12.62
CA ARG D 125 26.38 7.02 13.95
C ARG D 125 25.49 5.79 13.88
N LEU D 126 24.50 5.81 12.98
CA LEU D 126 23.66 4.63 12.79
C LEU D 126 24.45 3.48 12.19
N LEU D 127 25.36 3.78 11.26
CA LEU D 127 26.18 2.73 10.66
C LEU D 127 27.12 2.10 11.67
N VAL D 128 27.74 2.91 12.52
CA VAL D 128 28.61 2.37 13.56
C VAL D 128 27.81 1.56 14.56
N ALA D 129 26.64 2.06 14.96
CA ALA D 129 25.81 1.32 15.91
C ALA D 129 25.29 0.01 15.32
N HIS D 130 25.07 -0.03 14.00
CA HIS D 130 24.59 -1.26 13.37
C HIS D 130 25.67 -2.32 13.37
N VAL D 131 26.93 -1.92 13.14
CA VAL D 131 28.02 -2.89 13.12
C VAL D 131 28.27 -3.44 14.52
N VAL D 132 28.20 -2.60 15.54
CA VAL D 132 28.49 -3.05 16.90
C VAL D 132 27.35 -3.90 17.45
N GLU D 133 26.10 -3.53 17.12
CA GLU D 133 24.96 -4.24 17.67
C GLU D 133 24.91 -5.68 17.21
N HIS D 134 24.99 -5.91 15.89
CA HIS D 134 24.92 -7.25 15.35
C HIS D 134 26.28 -7.92 15.24
N GLN D 135 27.37 -7.20 15.52
CA GLN D 135 28.73 -7.73 15.49
C GLN D 135 29.05 -8.37 14.13
N LEU D 136 28.92 -7.54 13.10
CA LEU D 136 29.13 -7.92 11.70
C LEU D 136 30.46 -7.39 11.18
N PRO D 137 31.09 -8.09 10.24
CA PRO D 137 32.33 -7.58 9.66
C PRO D 137 32.09 -6.33 8.84
N PHE D 138 32.98 -5.34 9.01
CA PHE D 138 32.82 -4.03 8.42
C PHE D 138 33.96 -3.74 7.45
N TYR D 139 33.62 -3.21 6.28
CA TYR D 139 34.59 -2.77 5.28
C TYR D 139 34.31 -1.31 4.95
N THR D 140 35.34 -0.48 5.00
CA THR D 140 35.16 0.94 4.75
C THR D 140 36.50 1.59 4.43
N HIS D 141 36.43 2.71 3.71
CA HIS D 141 37.60 3.56 3.48
C HIS D 141 37.52 4.87 4.26
N ASP D 142 36.43 5.09 4.99
CA ASP D 142 36.24 6.34 5.74
C ASP D 142 37.26 6.41 6.88
N ASP D 143 38.13 7.42 6.82
CA ASP D 143 39.11 7.61 7.89
C ASP D 143 38.43 7.98 9.20
N SER D 144 37.25 8.60 9.14
CA SER D 144 36.51 8.95 10.35
C SER D 144 36.03 7.70 11.10
N LEU D 145 35.85 6.58 10.41
CA LEU D 145 35.40 5.35 11.03
C LEU D 145 36.54 4.41 11.38
N ARG D 146 37.64 4.45 10.63
CA ARG D 146 38.77 3.58 10.94
C ARG D 146 39.49 4.02 12.21
N GLU D 147 39.42 5.32 12.54
CA GLU D 147 40.02 5.80 13.78
C GLU D 147 39.20 5.44 15.01
N LEU D 148 37.94 5.07 14.84
CA LEU D 148 37.10 4.71 15.97
C LEU D 148 37.53 3.35 16.51
N GLY D 149 37.97 3.31 17.77
CA GLY D 149 38.38 2.06 18.37
C GLY D 149 37.24 1.08 18.54
N LEU D 150 36.00 1.59 18.64
CA LEU D 150 34.84 0.72 18.79
C LEU D 150 34.62 -0.14 17.56
N LEU D 151 35.09 0.30 16.39
CA LEU D 151 34.94 -0.45 15.15
C LEU D 151 36.13 -1.34 14.84
N LYS D 152 37.26 -1.17 15.53
CA LYS D 152 38.45 -1.93 15.21
C LYS D 152 38.28 -3.44 15.38
N PRO D 153 37.56 -3.96 16.38
CA PRO D 153 37.31 -5.42 16.41
C PRO D 153 36.52 -5.92 15.22
N PHE D 154 35.84 -5.04 14.49
CA PHE D 154 35.01 -5.45 13.36
C PHE D 154 35.58 -5.04 12.01
N LEU D 155 36.57 -4.15 11.98
CA LEU D 155 37.17 -3.75 10.71
C LEU D 155 37.98 -4.91 10.13
N LYS D 156 37.70 -5.24 8.88
CA LYS D 156 38.38 -6.32 8.19
C LYS D 156 39.29 -5.77 7.10
N THR D 157 40.37 -6.48 6.83
CA THR D 157 41.33 -6.07 5.81
C THR D 157 40.78 -6.35 4.42
N PHE D 158 40.92 -5.38 3.53
CA PHE D 158 40.45 -5.55 2.17
C PHE D 158 41.29 -6.61 1.45
N PRO D 159 40.65 -7.49 0.68
CA PRO D 159 41.41 -8.49 -0.08
C PRO D 159 42.27 -7.84 -1.15
N ALA D 160 43.19 -8.64 -1.69
CA ALA D 160 44.09 -8.17 -2.74
C ALA D 160 43.56 -8.52 -4.12
N SER D 165 39.17 -7.55 -14.00
CA SER D 165 39.25 -9.01 -14.12
C SER D 165 38.65 -9.69 -12.90
N VAL D 166 37.61 -9.10 -12.35
CA VAL D 166 36.92 -9.62 -11.17
C VAL D 166 35.47 -9.94 -11.47
N PHE D 167 34.76 -9.04 -12.14
CA PHE D 167 33.37 -9.23 -12.51
C PHE D 167 33.27 -10.03 -13.79
N PRO D 168 32.07 -10.49 -14.15
CA PRO D 168 31.86 -11.02 -15.50
C PRO D 168 32.13 -9.95 -16.54
N GLU D 169 32.41 -10.39 -17.77
CA GLU D 169 32.78 -9.44 -18.81
C GLU D 169 31.62 -8.53 -19.21
N ASN D 170 30.38 -8.98 -19.01
CA ASN D 170 29.23 -8.10 -19.25
C ASN D 170 29.19 -6.96 -18.23
N LEU D 171 29.72 -7.18 -17.03
CA LEU D 171 29.89 -6.13 -16.05
C LEU D 171 31.28 -5.50 -16.09
N GLN D 172 32.28 -6.24 -16.59
CA GLN D 172 33.61 -5.66 -16.75
C GLN D 172 33.62 -4.60 -17.84
N ARG D 173 32.87 -4.81 -18.92
CA ARG D 173 32.78 -3.79 -19.97
C ARG D 173 32.08 -2.55 -19.45
N LEU D 174 31.15 -2.69 -18.51
CA LEU D 174 30.50 -1.52 -17.92
C LEU D 174 31.44 -0.81 -16.96
N TYR D 175 32.29 -1.55 -16.25
CA TYR D 175 33.24 -0.93 -15.35
C TYR D 175 34.30 -0.16 -16.12
N GLU D 176 34.85 -0.76 -17.18
CA GLU D 176 35.87 -0.08 -17.96
C GLU D 176 35.32 1.17 -18.63
N GLN D 177 34.06 1.13 -19.06
CA GLN D 177 33.44 2.31 -19.68
C GLN D 177 33.23 3.41 -18.64
N SER D 178 32.78 3.04 -17.45
CA SER D 178 32.49 4.02 -16.40
C SER D 178 33.73 4.55 -15.70
N GLU D 180 35.65 6.70 -16.61
CA GLU D 180 35.71 8.16 -16.76
C GLU D 180 35.27 8.86 -15.49
N THR D 182 35.26 9.80 -11.75
CA THR D 182 36.32 9.88 -10.74
C THR D 182 35.73 10.41 -9.45
N ILE D 183 35.94 9.68 -8.36
CA ILE D 183 35.46 10.05 -7.03
C ILE D 183 36.66 10.34 -6.15
N GLY D 184 36.67 11.51 -5.52
CA GLY D 184 37.73 11.90 -4.62
C GLY D 184 37.23 12.14 -3.21
N LYS D 185 38.17 12.48 -2.33
CA LYS D 185 37.82 12.79 -0.95
C LYS D 185 36.95 14.03 -0.83
N GLU D 186 37.00 14.92 -1.83
CA GLU D 186 36.16 16.12 -1.81
C GLU D 186 34.71 15.81 -2.07
N ASP D 187 34.40 14.66 -2.68
CA ASP D 187 33.01 14.30 -2.93
C ASP D 187 32.26 14.01 -1.63
N PHE D 188 32.83 13.16 -0.78
CA PHE D 188 32.19 12.83 0.48
C PHE D 188 32.17 14.01 1.44
N GLN D 189 33.12 14.94 1.30
CA GLN D 189 33.14 16.12 2.16
C GLN D 189 32.02 17.08 1.81
N HIS D 190 31.93 17.47 0.54
CA HIS D 190 30.90 18.41 0.09
C HIS D 190 29.68 17.63 -0.40
N VAL D 191 29.02 16.99 0.56
CA VAL D 191 27.80 16.22 0.26
C VAL D 191 26.60 16.69 1.08
N GLY D 192 26.80 17.39 2.18
CA GLY D 192 25.69 17.86 2.99
C GLY D 192 25.00 19.08 2.41
N ILE E 26 0.79 -39.21 6.01
CA ILE E 26 0.34 -38.03 5.28
C ILE E 26 1.18 -36.82 5.66
N ALA E 27 1.77 -36.18 4.66
CA ALA E 27 2.60 -35.00 4.87
C ALA E 27 1.77 -33.73 4.78
N VAL E 28 2.22 -32.70 5.50
CA VAL E 28 1.55 -31.41 5.54
C VAL E 28 2.49 -30.37 4.94
N ILE E 29 1.98 -29.60 3.97
CA ILE E 29 2.74 -28.54 3.33
C ILE E 29 1.93 -27.25 3.41
N ASP E 30 2.62 -26.13 3.18
CA ASP E 30 1.99 -24.82 3.16
C ASP E 30 2.12 -24.19 1.78
N ALA E 31 1.89 -22.88 1.70
CA ALA E 31 1.94 -22.21 0.40
C ALA E 31 3.36 -22.12 -0.14
N THR E 32 4.37 -22.10 0.74
CA THR E 32 5.74 -21.95 0.28
C THR E 32 6.22 -23.18 -0.49
N VAL E 33 5.70 -24.35 -0.17
CA VAL E 33 6.12 -25.56 -0.88
C VAL E 33 5.46 -25.63 -2.26
N PHE E 34 4.17 -25.31 -2.34
CA PHE E 34 3.48 -25.37 -3.63
C PHE E 34 3.95 -24.27 -4.56
N GLY E 36 6.77 -22.87 -4.38
CA GLY E 36 8.20 -23.04 -4.56
C GLY E 36 8.58 -23.61 -5.91
N HIS E 38 7.84 -22.62 -8.64
CA HIS E 38 8.02 -21.49 -9.55
C HIS E 38 8.80 -20.37 -8.87
N HIS E 39 9.73 -20.72 -7.99
CA HIS E 39 10.50 -19.74 -7.26
C HIS E 39 11.71 -19.28 -8.07
N SER E 40 12.08 -18.01 -7.87
CA SER E 40 13.22 -17.46 -8.59
C SER E 40 14.52 -18.09 -8.12
N ASP E 41 14.61 -18.46 -6.84
CA ASP E 41 15.79 -19.15 -6.33
C ASP E 41 15.81 -20.58 -6.85
N PRO E 42 16.84 -20.99 -7.59
CA PRO E 42 16.85 -22.36 -8.13
C PRO E 42 16.91 -23.44 -7.06
N GLU E 43 17.59 -23.19 -5.94
CA GLU E 43 17.63 -24.18 -4.87
C GLU E 43 16.24 -24.39 -4.28
N VAL E 44 15.47 -23.31 -4.09
CA VAL E 44 14.12 -23.44 -3.58
C VAL E 44 13.24 -24.20 -4.56
N ARG E 45 13.40 -23.91 -5.86
CA ARG E 45 12.60 -24.61 -6.87
C ARG E 45 12.98 -26.08 -6.97
N ALA E 46 14.26 -26.40 -6.76
CA ALA E 46 14.68 -27.80 -6.79
C ALA E 46 14.15 -28.57 -5.60
N GLN E 47 14.13 -27.94 -4.42
CA GLN E 47 13.61 -28.60 -3.23
C GLN E 47 12.11 -28.85 -3.35
N SER E 48 11.37 -27.88 -3.91
CA SER E 48 9.93 -28.06 -4.06
C SER E 48 9.60 -29.09 -5.14
N LEU E 49 10.35 -29.08 -6.25
CA LEU E 49 10.16 -30.09 -7.28
C LEU E 49 10.48 -31.48 -6.75
N GLY E 50 11.45 -31.60 -5.84
CA GLY E 50 11.79 -32.90 -5.29
C GLY E 50 10.70 -33.47 -4.41
N PHE E 51 9.93 -32.62 -3.74
CA PHE E 51 8.85 -33.11 -2.90
C PHE E 51 7.70 -33.66 -3.73
N PHE E 52 7.18 -32.85 -4.66
CA PHE E 52 6.06 -33.30 -5.48
C PHE E 52 6.44 -34.48 -6.36
N GLY E 53 7.73 -34.61 -6.70
CA GLY E 53 8.17 -35.77 -7.44
C GLY E 53 8.17 -37.05 -6.64
N ALA E 54 8.19 -36.94 -5.31
CA ALA E 54 8.16 -38.11 -4.44
C ALA E 54 6.82 -38.31 -3.74
N PHE E 55 5.93 -37.32 -3.78
CA PHE E 55 4.61 -37.41 -3.16
C PHE E 55 3.48 -37.28 -4.18
N TYR E 56 3.78 -37.47 -5.47
CA TYR E 56 2.74 -37.36 -6.49
C TYR E 56 1.68 -38.44 -6.34
N SER E 57 2.07 -39.62 -5.85
CA SER E 57 1.15 -40.73 -5.66
C SER E 57 0.83 -40.97 -4.19
N ARG E 58 1.20 -40.05 -3.31
CA ARG E 58 0.99 -40.18 -1.88
C ARG E 58 -0.07 -39.19 -1.40
N GLN E 59 -0.22 -39.09 -0.09
CA GLN E 59 -1.21 -38.22 0.53
C GLN E 59 -0.52 -36.96 1.06
N VAL E 60 -1.05 -35.80 0.69
CA VAL E 60 -0.55 -34.50 1.13
C VAL E 60 -1.73 -33.67 1.61
N SER E 63 -4.33 -26.85 4.29
CA SER E 63 -5.46 -26.16 4.90
C SER E 63 -6.09 -25.20 3.91
N PHE E 64 -7.32 -24.77 4.23
CA PHE E 64 -8.04 -23.83 3.37
C PHE E 64 -7.29 -22.50 3.28
N GLY E 65 -6.65 -22.08 4.37
CA GLY E 65 -5.92 -20.83 4.34
C GLY E 65 -4.72 -20.86 3.41
N GLN E 66 -4.00 -21.99 3.39
CA GLN E 66 -2.82 -22.10 2.53
C GLN E 66 -3.22 -22.07 1.06
N ILE E 67 -4.38 -22.64 0.72
CA ILE E 67 -4.86 -22.55 -0.65
C ILE E 67 -5.24 -21.12 -1.01
N GLY E 68 -5.81 -20.39 -0.06
CA GLY E 68 -6.14 -18.99 -0.30
C GLY E 68 -4.93 -18.11 -0.46
N ILE E 69 -3.84 -18.43 0.27
CA ILE E 69 -2.60 -17.68 0.10
C ILE E 69 -2.05 -17.88 -1.30
N CYS E 70 -2.16 -19.10 -1.83
CA CYS E 70 -1.68 -19.37 -3.18
C CYS E 70 -2.41 -18.52 -4.21
N ASP E 71 -3.75 -18.49 -4.14
CA ASP E 71 -4.52 -17.70 -5.09
C ASP E 71 -4.29 -16.21 -4.90
N ALA E 72 -4.10 -15.77 -3.66
CA ALA E 72 -3.91 -14.35 -3.40
C ALA E 72 -2.61 -13.85 -4.01
N ILE E 73 -1.58 -14.70 -4.08
CA ILE E 73 -0.33 -14.30 -4.71
C ILE E 73 -0.45 -14.30 -6.23
N ILE E 74 -1.17 -15.28 -6.78
CA ILE E 74 -1.26 -15.41 -8.23
C ILE E 74 -2.16 -14.33 -8.82
N TRP E 75 -3.29 -14.06 -8.17
CA TRP E 75 -4.23 -13.07 -8.68
C TRP E 75 -3.67 -11.65 -8.69
N LYS E 76 -2.53 -11.42 -8.04
CA LYS E 76 -1.84 -10.14 -8.15
C LYS E 76 -0.94 -10.06 -9.38
N LYS E 77 -0.69 -11.18 -10.05
CA LYS E 77 0.13 -11.19 -11.25
C LYS E 77 -0.69 -10.74 -12.45
N SER E 78 -0.06 -10.71 -13.61
CA SER E 78 -0.72 -10.25 -14.82
C SER E 78 -1.70 -11.32 -15.35
N ARG E 79 -2.61 -10.87 -16.21
CA ARG E 79 -3.58 -11.79 -16.80
C ARG E 79 -2.88 -12.86 -17.63
N HIS E 80 -1.78 -12.50 -18.29
CA HIS E 80 -1.07 -13.48 -19.12
C HIS E 80 -0.37 -14.53 -18.26
N LEU E 81 0.26 -14.10 -17.16
CA LEU E 81 0.96 -15.06 -16.31
C LEU E 81 0.02 -16.01 -15.59
N GLN E 82 -1.22 -15.57 -15.34
CA GLN E 82 -2.19 -16.47 -14.71
C GLN E 82 -2.69 -17.51 -15.70
N ASP E 83 -2.91 -17.12 -16.95
CA ASP E 83 -3.43 -18.04 -17.96
C ASP E 83 -2.43 -19.13 -18.32
N VAL E 84 -1.15 -18.92 -18.06
CA VAL E 84 -0.14 -19.93 -18.34
C VAL E 84 0.21 -20.77 -17.11
N TYR E 85 -0.09 -20.28 -15.91
CA TYR E 85 0.21 -21.02 -14.69
C TYR E 85 -0.96 -21.87 -14.21
N TYR E 86 -2.17 -21.31 -14.24
CA TYR E 86 -3.33 -22.02 -13.70
C TYR E 86 -3.59 -23.38 -14.34
N PRO E 87 -3.42 -23.59 -15.65
CA PRO E 87 -3.59 -24.94 -16.18
C PRO E 87 -2.71 -25.98 -15.50
N PHE E 88 -1.52 -25.61 -15.06
CA PHE E 88 -0.67 -26.56 -14.34
C PHE E 88 -1.18 -26.81 -12.93
N ASP E 90 -4.26 -26.42 -11.68
CA ASP E 90 -5.58 -27.07 -11.61
C ASP E 90 -5.46 -28.57 -11.87
N VAL E 91 -4.61 -28.97 -12.82
CA VAL E 91 -4.44 -30.39 -13.10
C VAL E 91 -3.69 -31.08 -11.95
N LEU E 92 -2.73 -30.38 -11.33
CA LEU E 92 -1.98 -30.97 -10.23
C LEU E 92 -2.86 -31.21 -9.02
N HIS E 93 -3.71 -30.23 -8.66
CA HIS E 93 -4.58 -30.40 -7.51
C HIS E 93 -5.64 -31.47 -7.75
N THR E 94 -5.98 -31.74 -9.01
CA THR E 94 -6.98 -32.76 -9.32
C THR E 94 -6.38 -34.15 -9.36
N ASP E 95 -5.22 -34.30 -10.02
CA ASP E 95 -4.62 -35.61 -10.17
C ASP E 95 -4.00 -36.10 -8.86
N ASP E 97 -3.47 -36.52 -4.77
CA ASP E 97 -4.39 -36.73 -3.65
C ASP E 97 -4.14 -35.70 -2.55
N ILE E 98 -4.30 -34.43 -2.93
CA ILE E 98 -4.10 -33.32 -2.01
C ILE E 98 -5.32 -33.19 -1.12
N GLN E 99 -5.15 -33.43 0.18
CA GLN E 99 -6.24 -33.36 1.14
C GLN E 99 -6.46 -31.90 1.54
N ARG E 100 -7.61 -31.35 1.17
CA ARG E 100 -7.94 -29.95 1.42
C ARG E 100 -9.01 -29.90 2.50
N GLN E 101 -8.63 -29.45 3.70
CA GLN E 101 -9.54 -29.45 4.84
C GLN E 101 -9.25 -28.23 5.70
N GLY E 102 -9.93 -28.15 6.84
CA GLY E 102 -9.76 -27.06 7.78
C GLY E 102 -9.38 -27.60 9.16
N TYR E 103 -9.00 -26.66 10.03
CA TYR E 103 -8.60 -27.02 11.38
C TYR E 103 -9.81 -27.35 12.24
N CYS E 104 -9.60 -28.22 13.21
CA CYS E 104 -10.66 -28.65 14.12
CA CYS E 104 -10.66 -28.65 14.12
C CYS E 104 -10.57 -27.87 15.44
N ASN E 105 -11.47 -28.20 16.37
CA ASN E 105 -11.54 -27.49 17.63
C ASN E 105 -10.28 -27.70 18.47
N LYS E 106 -9.66 -28.88 18.38
CA LYS E 106 -8.47 -29.15 19.17
C LYS E 106 -7.29 -28.29 18.72
N VAL E 107 -7.24 -27.91 17.44
CA VAL E 107 -6.13 -27.11 16.95
C VAL E 107 -6.31 -25.64 17.33
N LEU E 108 -7.57 -25.16 17.35
CA LEU E 108 -7.82 -23.76 17.65
C LEU E 108 -7.50 -23.45 19.11
N LYS E 109 -7.75 -24.39 20.02
CA LYS E 109 -7.50 -24.13 21.43
C LYS E 109 -6.01 -23.99 21.71
N ARG E 110 -5.18 -24.83 21.08
CA ARG E 110 -3.74 -24.75 21.30
C ARG E 110 -3.14 -23.48 20.70
N ALA E 111 -3.71 -23.01 19.58
CA ALA E 111 -3.15 -21.83 18.92
C ALA E 111 -3.29 -20.59 19.78
N CYS E 112 -4.31 -20.52 20.64
CA CYS E 112 -4.50 -19.38 21.52
C CYS E 112 -3.63 -19.44 22.77
N LEU E 113 -3.02 -20.58 23.06
CA LEU E 113 -2.19 -20.72 24.24
C LEU E 113 -0.85 -20.00 24.05
N GLU E 114 0.07 -20.64 23.34
CA GLU E 114 1.39 -20.07 23.11
C GLU E 114 1.32 -18.90 22.13
N ARG E 119 3.33 -15.00 18.49
CA ARG E 119 3.18 -13.67 17.90
C ARG E 119 3.37 -13.71 16.39
N LEU E 120 2.79 -14.72 15.75
CA LEU E 120 2.79 -14.86 14.31
C LEU E 120 1.39 -14.54 13.76
N SER E 121 1.24 -14.70 12.45
CA SER E 121 -0.06 -14.52 11.83
C SER E 121 -1.00 -15.66 12.24
N VAL E 122 -2.31 -15.37 12.21
CA VAL E 122 -3.29 -16.34 12.65
C VAL E 122 -3.25 -17.60 11.80
N GLU E 123 -2.95 -17.46 10.50
CA GLU E 123 -2.84 -18.63 9.64
C GLU E 123 -1.61 -19.45 10.01
N LYS E 124 -0.50 -18.80 10.33
CA LYS E 124 0.70 -19.54 10.73
C LYS E 124 0.55 -20.14 12.12
N ARG E 125 -0.10 -19.40 13.04
CA ARG E 125 -0.30 -19.94 14.38
C ARG E 125 -1.20 -21.17 14.36
N LEU E 126 -2.23 -21.17 13.51
CA LEU E 126 -3.06 -22.35 13.37
C LEU E 126 -2.33 -23.46 12.62
N LEU E 127 -1.38 -23.11 11.76
CA LEU E 127 -0.64 -24.12 11.02
C LEU E 127 0.34 -24.85 11.93
N VAL E 128 1.08 -24.12 12.77
CA VAL E 128 2.03 -24.75 13.67
C VAL E 128 1.32 -25.55 14.75
N ALA E 129 0.06 -25.20 15.07
CA ALA E 129 -0.70 -25.95 16.05
C ALA E 129 -1.27 -27.25 15.48
N HIS E 130 -1.37 -27.35 14.15
CA HIS E 130 -1.87 -28.58 13.54
C HIS E 130 -0.76 -29.61 13.36
N VAL E 131 0.46 -29.16 13.06
CA VAL E 131 1.58 -30.08 12.88
C VAL E 131 2.14 -30.58 14.21
N VAL E 132 1.87 -29.86 15.30
CA VAL E 132 2.37 -30.27 16.62
C VAL E 132 1.36 -31.14 17.35
N GLU E 133 0.08 -30.73 17.33
CA GLU E 133 -0.95 -31.50 18.04
C GLU E 133 -1.16 -32.85 17.39
N HIS E 134 -1.29 -32.88 16.05
CA HIS E 134 -1.50 -34.13 15.34
C HIS E 134 -0.20 -34.87 15.05
N GLN E 135 0.95 -34.24 15.30
CA GLN E 135 2.26 -34.88 15.11
C GLN E 135 2.44 -35.38 13.68
N LEU E 136 2.22 -34.47 12.73
CA LEU E 136 2.34 -34.77 11.31
C LEU E 136 3.65 -34.21 10.75
N PRO E 137 4.30 -34.91 9.83
CA PRO E 137 5.51 -34.37 9.21
C PRO E 137 5.20 -33.12 8.40
N PHE E 138 6.02 -32.10 8.57
CA PHE E 138 5.77 -30.77 8.02
C PHE E 138 6.91 -30.36 7.11
N TYR E 139 6.57 -29.91 5.91
CA TYR E 139 7.52 -29.40 4.94
C TYR E 139 7.20 -27.93 4.68
N THR E 140 8.22 -27.07 4.70
CA THR E 140 7.99 -25.66 4.49
C THR E 140 9.30 -24.97 4.12
N HIS E 141 9.18 -23.85 3.42
CA HIS E 141 10.29 -22.96 3.14
C HIS E 141 10.22 -21.68 3.97
N ASP E 142 9.23 -21.55 4.84
CA ASP E 142 9.04 -20.36 5.65
C ASP E 142 10.08 -20.32 6.76
N ASP E 143 10.98 -19.34 6.70
CA ASP E 143 12.00 -19.19 7.74
C ASP E 143 11.38 -18.84 9.10
N SER E 144 10.19 -18.24 9.10
CA SER E 144 9.53 -17.93 10.36
C SER E 144 9.02 -19.19 11.06
N LEU E 145 8.89 -20.30 10.34
CA LEU E 145 8.42 -21.56 10.90
C LEU E 145 9.52 -22.58 11.11
N ARG E 146 10.54 -22.61 10.24
CA ARG E 146 11.62 -23.56 10.38
C ARG E 146 12.49 -23.28 11.61
N GLU E 147 12.50 -22.04 12.09
CA GLU E 147 13.27 -21.69 13.28
C GLU E 147 12.52 -21.99 14.57
N LEU E 148 11.25 -22.37 14.50
CA LEU E 148 10.46 -22.62 15.70
C LEU E 148 10.96 -23.89 16.39
N GLY E 149 11.15 -23.80 17.71
CA GLY E 149 11.61 -24.96 18.46
C GLY E 149 10.56 -26.04 18.57
N LEU E 150 9.29 -25.66 18.62
CA LEU E 150 8.21 -26.65 18.70
C LEU E 150 8.04 -27.43 17.39
N LEU E 151 8.48 -26.87 16.27
CA LEU E 151 8.40 -27.53 14.98
C LEU E 151 9.66 -28.30 14.63
N LYS E 152 10.67 -28.32 15.51
CA LYS E 152 11.91 -29.01 15.20
C LYS E 152 11.74 -30.50 14.97
N PRO E 153 11.04 -31.27 15.83
CA PRO E 153 10.90 -32.71 15.56
C PRO E 153 10.01 -33.04 14.37
N PHE E 154 9.28 -32.08 13.83
CA PHE E 154 8.33 -32.34 12.75
C PHE E 154 8.80 -31.86 11.39
N LEU E 155 9.75 -30.93 11.33
CA LEU E 155 10.26 -30.46 10.05
C LEU E 155 11.10 -31.55 9.39
N LYS E 156 10.82 -31.82 8.13
CA LYS E 156 11.51 -32.86 7.38
C LYS E 156 12.25 -32.25 6.19
N THR E 157 13.25 -32.98 5.71
CA THR E 157 14.08 -32.52 4.60
C THR E 157 13.43 -32.86 3.27
N PHE E 158 13.56 -31.94 2.31
CA PHE E 158 12.94 -32.14 1.00
C PHE E 158 13.71 -33.20 0.21
N PRO E 159 13.01 -34.15 -0.42
CA PRO E 159 13.71 -35.11 -1.28
C PRO E 159 14.45 -34.41 -2.41
N ALA E 160 15.38 -35.15 -3.00
CA ALA E 160 16.17 -34.68 -4.13
C ALA E 160 15.55 -35.13 -5.45
N SER E 161 15.96 -34.47 -6.53
CA SER E 161 15.45 -34.79 -7.86
C SER E 161 16.25 -35.92 -8.50
N SER E 165 10.71 -36.15 -13.90
CA SER E 165 10.89 -37.59 -14.05
C SER E 165 9.65 -38.35 -13.60
N VAL E 166 8.99 -37.86 -12.56
CA VAL E 166 7.80 -38.50 -12.03
C VAL E 166 6.50 -37.91 -12.57
N PHE E 167 6.52 -36.67 -13.04
CA PHE E 167 5.31 -36.06 -13.58
C PHE E 167 4.95 -36.72 -14.92
N PRO E 168 3.66 -36.82 -15.22
CA PRO E 168 3.25 -37.37 -16.52
C PRO E 168 3.70 -36.47 -17.66
N GLU E 169 3.73 -37.06 -18.86
CA GLU E 169 4.14 -36.31 -20.04
C GLU E 169 3.19 -35.16 -20.33
N ASN E 170 1.90 -35.33 -20.05
CA ASN E 170 0.94 -34.25 -20.26
C ASN E 170 1.11 -33.16 -19.21
N LEU E 171 1.45 -33.53 -17.98
CA LEU E 171 1.61 -32.54 -16.92
C LEU E 171 2.98 -31.88 -16.96
N GLN E 172 4.00 -32.58 -17.48
CA GLN E 172 5.31 -31.95 -17.63
C GLN E 172 5.26 -30.78 -18.60
N ARG E 173 4.46 -30.91 -19.67
CA ARG E 173 4.33 -29.80 -20.61
C ARG E 173 3.61 -28.63 -19.98
N LEU E 174 2.62 -28.89 -19.12
CA LEU E 174 1.91 -27.81 -18.45
C LEU E 174 2.82 -27.08 -17.47
N TYR E 175 3.73 -27.79 -16.82
CA TYR E 175 4.68 -27.15 -15.92
C TYR E 175 5.73 -26.37 -16.70
N GLU E 176 6.14 -26.88 -17.86
CA GLU E 176 7.13 -26.18 -18.67
C GLU E 176 6.58 -24.85 -19.16
N GLN E 177 5.30 -24.82 -19.55
CA GLN E 177 4.69 -23.56 -19.98
C GLN E 177 4.44 -22.63 -18.81
N SER E 178 4.17 -23.18 -17.63
CA SER E 178 3.90 -22.36 -16.45
C SER E 178 5.18 -21.78 -15.83
N GLU E 180 7.04 -19.78 -16.97
CA GLU E 180 7.16 -18.38 -17.34
C GLU E 180 6.89 -17.46 -16.17
N THR E 182 7.24 -16.47 -12.19
CA THR E 182 8.21 -16.68 -11.13
C THR E 182 7.66 -16.16 -9.81
N ILE E 183 8.07 -16.81 -8.72
CA ILE E 183 7.67 -16.44 -7.37
C ILE E 183 8.91 -15.95 -6.64
N GLY E 184 8.82 -14.76 -6.05
CA GLY E 184 9.90 -14.18 -5.29
C GLY E 184 9.59 -14.12 -3.80
N LYS E 185 10.60 -13.72 -3.03
CA LYS E 185 10.42 -13.57 -1.59
C LYS E 185 9.48 -12.43 -1.27
N GLU E 186 9.41 -11.41 -2.14
CA GLU E 186 8.50 -10.30 -1.94
C GLU E 186 7.04 -10.68 -2.12
N ASP E 187 6.76 -11.85 -2.66
CA ASP E 187 5.37 -12.28 -2.86
C ASP E 187 4.72 -12.76 -1.57
N PHE E 188 5.50 -13.37 -0.68
CA PHE E 188 4.98 -13.85 0.59
C PHE E 188 5.00 -12.79 1.69
N GLN E 189 5.85 -11.78 1.57
CA GLN E 189 5.90 -10.72 2.58
C GLN E 189 4.65 -9.87 2.55
N HIS E 190 4.24 -9.45 1.35
CA HIS E 190 3.05 -8.61 1.18
C HIS E 190 1.91 -9.50 0.69
N VAL E 191 1.23 -10.13 1.65
CA VAL E 191 0.11 -11.01 1.34
C VAL E 191 -1.00 -10.83 2.37
#